data_3JV4
#
_entry.id   3JV4
#
_cell.length_a   106.173
_cell.length_b   106.173
_cell.length_c   143.778
_cell.angle_alpha   90.000
_cell.angle_beta   90.000
_cell.angle_gamma   120.000
#
_symmetry.space_group_name_H-M   'P 32 2 1'
#
loop_
_entity.id
_entity.type
_entity.pdbx_description
1 polymer 'Transcription factor RelB'
2 polymer 'Nuclear factor NF-kappa-B p105 subunit'
#
loop_
_entity_poly.entity_id
_entity_poly.type
_entity_poly.pdbx_seq_one_letter_code
_entity_poly.pdbx_strand_id
1 'polypeptide(L)'
;TSELRICRINKESGPCTGGEELYLLCDKVQKEDISVVFSTASWEGRADFSQADVHRQIAIVFKTPPYEDLEISEPVTVNV
FLQRLTDGVCSEPLPFTYLPR
;
A,C,E
2 'polypeptide(L)'
;ASNLKIVRMDRTAGCVTGGEEIYLLCDKVQKDDIQIRFYEEEENGGVWEGFGDFSPTDVHRQFAIVFKTPKYKDVNITKP
ASVFVQLRRKSDLETSEPKPFLYYPEIKDKEEVQR
;
B,D,F
#
# COMPACT_ATOMS: atom_id res chain seq x y z
N THR A 1 -1.00 -23.11 57.05
CA THR A 1 -1.55 -21.76 56.71
C THR A 1 -0.51 -20.84 56.07
N SER A 2 -0.86 -20.25 54.92
CA SER A 2 0.03 -19.34 54.19
C SER A 2 -0.51 -19.03 52.79
N GLU A 3 -1.78 -18.61 52.72
CA GLU A 3 -2.45 -18.30 51.46
C GLU A 3 -1.58 -18.09 50.22
N LEU A 4 -1.44 -19.13 49.42
CA LEU A 4 -0.72 -19.05 48.16
C LEU A 4 -1.70 -18.35 47.20
N ARG A 5 -1.19 -17.45 46.36
CA ARG A 5 -2.04 -16.75 45.41
C ARG A 5 -1.28 -16.42 44.12
N ILE A 6 -2.02 -16.02 43.09
CA ILE A 6 -1.42 -15.69 41.80
C ILE A 6 -1.66 -14.22 41.47
N CYS A 7 -0.61 -13.41 41.50
CA CYS A 7 -0.75 -11.99 41.21
C CYS A 7 -1.28 -11.70 39.80
N ARG A 8 -0.75 -12.40 38.79
CA ARG A 8 -1.18 -12.20 37.41
C ARG A 8 -0.60 -13.27 36.50
N ILE A 9 -1.08 -13.31 35.27
CA ILE A 9 -0.65 -14.26 34.26
C ILE A 9 -0.38 -13.47 32.97
N ASN A 10 0.64 -13.85 32.21
CA ASN A 10 0.93 -13.12 30.97
C ASN A 10 -0.04 -13.34 29.83
N LYS A 11 -0.98 -14.26 30.00
CA LYS A 11 -1.94 -14.58 28.94
C LYS A 11 -3.30 -14.97 29.52
N GLU A 12 -4.38 -14.63 28.83
CA GLU A 12 -5.73 -14.94 29.29
C GLU A 12 -6.44 -15.98 28.42
N SER A 13 -5.82 -16.33 27.29
CA SER A 13 -6.40 -17.29 26.36
C SER A 13 -5.34 -18.00 25.54
N GLY A 14 -5.61 -19.25 25.17
CA GLY A 14 -4.65 -20.01 24.39
C GLY A 14 -5.34 -21.11 23.60
N PRO A 15 -4.59 -21.89 22.81
CA PRO A 15 -5.22 -22.97 22.03
C PRO A 15 -5.67 -24.09 22.94
N CYS A 16 -6.88 -24.58 22.72
CA CYS A 16 -7.42 -25.67 23.51
C CYS A 16 -6.59 -26.95 23.41
N THR A 17 -5.58 -26.93 22.52
CA THR A 17 -4.71 -28.10 22.37
C THR A 17 -3.61 -28.10 23.42
N GLY A 18 -3.39 -26.95 24.05
CA GLY A 18 -2.37 -26.85 25.08
C GLY A 18 -0.96 -27.08 24.59
N GLY A 19 0.00 -26.79 25.46
CA GLY A 19 1.41 -26.95 25.14
C GLY A 19 2.05 -25.57 25.05
N GLU A 20 1.21 -24.56 25.21
CA GLU A 20 1.60 -23.15 25.16
C GLU A 20 2.38 -22.79 26.43
N GLU A 21 3.36 -21.89 26.31
CA GLU A 21 4.15 -21.50 27.48
C GLU A 21 3.71 -20.15 28.04
N LEU A 22 3.46 -20.12 29.36
CA LEU A 22 3.04 -18.90 30.03
C LEU A 22 3.90 -18.59 31.24
N TYR A 23 3.66 -17.43 31.83
CA TYR A 23 4.38 -16.99 33.01
C TYR A 23 3.33 -16.58 34.04
N LEU A 24 3.61 -16.81 35.33
CA LEU A 24 2.68 -16.38 36.36
C LEU A 24 3.46 -15.90 37.56
N LEU A 25 3.08 -14.73 38.08
CA LEU A 25 3.72 -14.17 39.26
C LEU A 25 2.86 -14.62 40.44
N CYS A 26 3.50 -14.96 41.55
CA CYS A 26 2.76 -15.44 42.70
C CYS A 26 3.52 -15.23 44.00
N ASP A 27 2.81 -15.46 45.10
CA ASP A 27 3.39 -15.32 46.43
C ASP A 27 4.25 -16.56 46.70
N LYS A 28 5.33 -16.38 47.47
CA LYS A 28 6.25 -17.47 47.79
C LYS A 28 5.70 -18.88 47.70
N VAL A 29 6.43 -19.75 47.00
CA VAL A 29 6.05 -21.16 46.87
C VAL A 29 7.34 -21.94 46.90
N GLN A 30 7.31 -23.14 47.49
CA GLN A 30 8.52 -23.95 47.52
C GLN A 30 8.55 -24.74 46.22
N LYS A 31 9.58 -24.47 45.43
CA LYS A 31 9.72 -25.11 44.13
C LYS A 31 9.44 -26.60 44.15
N GLU A 32 9.58 -27.23 45.31
CA GLU A 32 9.31 -28.67 45.42
C GLU A 32 7.81 -28.94 45.50
N ASP A 33 7.18 -28.52 46.59
CA ASP A 33 5.75 -28.76 46.71
C ASP A 33 4.93 -27.59 46.19
N ILE A 34 4.48 -27.75 44.95
CA ILE A 34 3.68 -26.74 44.28
C ILE A 34 3.35 -27.20 42.86
N SER A 35 2.18 -26.83 42.37
CA SER A 35 1.78 -27.24 41.04
C SER A 35 0.59 -26.44 40.49
N VAL A 36 0.70 -25.95 39.26
CA VAL A 36 -0.37 -25.19 38.63
C VAL A 36 -1.42 -26.15 38.07
N VAL A 37 -2.68 -25.80 38.29
CA VAL A 37 -3.79 -26.64 37.86
C VAL A 37 -4.92 -25.87 37.18
N PHE A 38 -5.40 -26.42 36.06
CA PHE A 38 -6.52 -25.83 35.30
C PHE A 38 -7.71 -26.73 35.61
N SER A 39 -8.85 -26.12 35.94
CA SER A 39 -10.05 -26.89 36.29
C SER A 39 -11.36 -26.30 35.75
N THR A 40 -12.37 -27.16 35.64
CA THR A 40 -13.69 -26.76 35.15
C THR A 40 -14.75 -27.44 36.02
N ALA A 41 -15.91 -27.70 35.43
CA ALA A 41 -16.99 -28.35 36.16
C ALA A 41 -16.64 -29.80 36.45
N SER A 42 -16.32 -30.55 35.40
CA SER A 42 -15.98 -31.97 35.52
C SER A 42 -14.55 -32.30 35.15
N TRP A 43 -13.73 -31.28 34.92
CA TRP A 43 -12.35 -31.53 34.49
C TRP A 43 -11.23 -30.85 35.27
N GLU A 44 -10.09 -31.53 35.30
CA GLU A 44 -8.91 -31.04 35.98
C GLU A 44 -7.65 -31.40 35.20
N GLY A 45 -6.78 -30.43 35.00
CA GLY A 45 -5.55 -30.68 34.27
C GLY A 45 -4.37 -30.02 34.94
N ARG A 46 -3.29 -30.77 35.13
CA ARG A 46 -2.11 -30.20 35.76
C ARG A 46 -1.18 -29.69 34.70
N ALA A 47 -0.78 -28.43 34.83
CA ALA A 47 0.12 -27.82 33.87
C ALA A 47 1.48 -28.46 33.97
N ASP A 48 2.22 -28.42 32.88
CA ASP A 48 3.54 -29.00 32.81
C ASP A 48 4.66 -28.00 33.08
N PHE A 49 5.58 -28.37 33.95
CA PHE A 49 6.71 -27.52 34.27
C PHE A 49 7.63 -28.25 35.23
N SER A 50 8.87 -27.79 35.36
CA SER A 50 9.80 -28.46 36.25
C SER A 50 10.20 -27.57 37.40
N GLN A 51 10.77 -28.17 38.45
CA GLN A 51 11.18 -27.41 39.63
C GLN A 51 12.02 -26.21 39.22
N ALA A 52 12.96 -26.46 38.32
CA ALA A 52 13.84 -25.41 37.82
C ALA A 52 13.06 -24.20 37.28
N ASP A 53 11.87 -24.46 36.74
CA ASP A 53 11.03 -23.42 36.16
C ASP A 53 10.33 -22.46 37.14
N VAL A 54 10.61 -22.61 38.43
CA VAL A 54 10.02 -21.72 39.45
C VAL A 54 11.10 -20.67 39.78
N HIS A 55 10.79 -19.40 39.52
CA HIS A 55 11.76 -18.34 39.77
C HIS A 55 11.73 -17.69 41.15
N ARG A 56 12.69 -18.03 42.00
CA ARG A 56 12.77 -17.44 43.34
C ARG A 56 11.39 -17.44 44.01
N GLN A 57 10.69 -18.56 43.92
CA GLN A 57 9.34 -18.74 44.50
C GLN A 57 8.29 -17.66 44.23
N ILE A 58 8.58 -16.74 43.33
CA ILE A 58 7.64 -15.67 43.03
C ILE A 58 6.98 -15.77 41.65
N ALA A 59 7.45 -16.71 40.83
CA ALA A 59 6.91 -16.90 39.48
C ALA A 59 7.15 -18.32 38.97
N ILE A 60 6.35 -18.76 38.00
CA ILE A 60 6.52 -20.09 37.45
C ILE A 60 6.25 -20.16 35.94
N VAL A 61 7.27 -20.55 35.18
CA VAL A 61 7.16 -20.69 33.73
C VAL A 61 6.63 -22.11 33.50
N PHE A 62 5.45 -22.24 32.90
CA PHE A 62 4.88 -23.55 32.68
C PHE A 62 4.14 -23.63 31.35
N LYS A 63 3.83 -24.84 30.90
CA LYS A 63 3.10 -25.04 29.64
C LYS A 63 1.65 -25.48 29.91
N THR A 64 0.70 -24.78 29.32
CA THR A 64 -0.69 -25.11 29.53
C THR A 64 -1.01 -26.55 29.17
N PRO A 65 -1.79 -27.23 30.04
CA PRO A 65 -2.15 -28.62 29.81
C PRO A 65 -3.21 -28.73 28.74
N PRO A 66 -3.05 -29.70 27.85
CA PRO A 66 -4.01 -29.90 26.77
C PRO A 66 -5.38 -29.98 27.42
N TYR A 67 -6.40 -29.43 26.79
CA TYR A 67 -7.74 -29.52 27.36
C TYR A 67 -8.31 -30.93 27.16
N GLU A 68 -9.41 -31.22 27.84
CA GLU A 68 -10.06 -32.50 27.75
C GLU A 68 -10.71 -32.65 26.36
N ASP A 69 -11.54 -31.68 26.03
CA ASP A 69 -12.24 -31.66 24.74
C ASP A 69 -11.42 -30.94 23.68
N LEU A 70 -10.52 -31.68 23.03
CA LEU A 70 -9.68 -31.12 21.98
C LEU A 70 -10.45 -30.82 20.71
N GLU A 71 -11.76 -30.60 20.83
CA GLU A 71 -12.58 -30.32 19.65
C GLU A 71 -13.66 -29.27 19.90
N ILE A 72 -13.64 -28.63 21.06
CA ILE A 72 -14.66 -27.62 21.35
C ILE A 72 -14.75 -26.66 20.18
N SER A 73 -15.90 -26.01 20.03
CA SER A 73 -16.07 -25.06 18.94
C SER A 73 -16.55 -23.76 19.53
N GLU A 74 -16.18 -23.54 20.79
CA GLU A 74 -16.56 -22.34 21.51
C GLU A 74 -15.62 -22.06 22.67
N PRO A 75 -15.29 -20.77 22.90
CA PRO A 75 -14.39 -20.37 23.99
C PRO A 75 -14.78 -20.95 25.35
N VAL A 76 -14.00 -21.91 25.80
CA VAL A 76 -14.25 -22.57 27.08
C VAL A 76 -13.37 -21.98 28.18
N THR A 77 -13.91 -21.09 29.00
CA THR A 77 -13.11 -20.52 30.07
C THR A 77 -13.01 -21.47 31.25
N VAL A 78 -11.82 -21.58 31.84
CA VAL A 78 -11.63 -22.47 32.97
C VAL A 78 -10.95 -21.74 34.11
N ASN A 79 -10.62 -22.48 35.17
CA ASN A 79 -9.99 -21.91 36.36
C ASN A 79 -8.52 -22.30 36.46
N VAL A 80 -7.69 -21.36 36.86
CA VAL A 80 -6.26 -21.64 36.99
C VAL A 80 -5.87 -21.38 38.44
N PHE A 81 -5.32 -22.37 39.12
CA PHE A 81 -4.92 -22.17 40.52
C PHE A 81 -3.72 -23.00 40.97
N LEU A 82 -2.95 -22.43 41.90
CA LEU A 82 -1.79 -23.11 42.46
C LEU A 82 -2.32 -24.20 43.37
N GLN A 83 -1.44 -25.05 43.89
CA GLN A 83 -1.86 -26.14 44.79
C GLN A 83 -0.71 -26.99 45.28
N ARG A 84 -0.30 -26.79 46.52
CA ARG A 84 0.81 -27.56 47.07
C ARG A 84 0.51 -29.05 46.95
N LEU A 85 1.58 -29.84 46.81
CA LEU A 85 1.47 -31.30 46.67
C LEU A 85 1.15 -31.97 48.00
N THR A 86 1.66 -31.39 49.07
CA THR A 86 1.47 -31.94 50.41
C THR A 86 0.04 -31.83 50.94
N ASP A 87 -0.29 -30.68 51.53
CA ASP A 87 -1.61 -30.46 52.11
C ASP A 87 -2.77 -30.22 51.13
N GLY A 88 -2.47 -30.12 49.84
CA GLY A 88 -3.51 -29.90 48.85
C GLY A 88 -4.12 -28.50 48.79
N VAL A 89 -3.61 -27.59 49.62
CA VAL A 89 -4.10 -26.21 49.66
C VAL A 89 -3.97 -25.53 48.29
N CYS A 90 -5.00 -24.79 47.90
CA CYS A 90 -4.98 -24.12 46.61
C CYS A 90 -4.72 -22.62 46.69
N SER A 91 -5.37 -21.92 45.78
CA SER A 91 -5.26 -20.47 45.68
C SER A 91 -6.44 -19.98 44.87
N GLU A 92 -6.89 -18.77 45.17
CA GLU A 92 -8.00 -18.20 44.45
C GLU A 92 -7.74 -18.47 42.97
N PRO A 93 -8.73 -19.05 42.28
CA PRO A 93 -8.58 -19.35 40.85
C PRO A 93 -8.61 -18.12 39.94
N LEU A 94 -7.85 -18.19 38.85
CA LEU A 94 -7.77 -17.11 37.86
C LEU A 94 -8.48 -17.58 36.61
N PRO A 95 -9.08 -16.65 35.85
CA PRO A 95 -9.80 -16.96 34.63
C PRO A 95 -8.95 -17.11 33.38
N PHE A 96 -8.82 -18.35 32.90
CA PHE A 96 -8.07 -18.59 31.68
C PHE A 96 -8.96 -19.37 30.74
N THR A 97 -9.23 -18.78 29.58
CA THR A 97 -10.10 -19.40 28.58
C THR A 97 -9.37 -20.07 27.41
N TYR A 98 -9.76 -21.32 27.12
CA TYR A 98 -9.17 -22.06 26.02
C TYR A 98 -9.88 -21.61 24.76
N LEU A 99 -9.19 -21.79 23.63
CA LEU A 99 -9.72 -21.37 22.33
C LEU A 99 -9.95 -22.57 21.42
N PRO A 100 -10.95 -22.45 20.53
CA PRO A 100 -11.30 -23.51 19.59
C PRO A 100 -10.16 -23.93 18.65
N ARG A 101 -10.43 -23.94 17.34
CA ARG A 101 -9.45 -24.31 16.34
C ARG A 101 -8.40 -25.30 16.85
N ALA B 1 30.26 -8.68 35.79
CA ALA B 1 30.34 -8.86 37.27
C ALA B 1 29.53 -7.78 37.98
N SER B 2 28.24 -8.04 38.25
CA SER B 2 27.40 -7.06 38.93
C SER B 2 26.25 -7.60 39.78
N ASN B 3 25.59 -6.66 40.47
CA ASN B 3 24.44 -6.90 41.35
C ASN B 3 23.13 -7.03 40.57
N LEU B 4 23.15 -6.65 39.28
CA LEU B 4 21.96 -6.75 38.44
C LEU B 4 22.08 -7.81 37.34
N LYS B 5 20.97 -8.48 37.05
CA LYS B 5 21.00 -9.52 36.01
C LYS B 5 19.62 -9.96 35.50
N ILE B 6 19.47 -9.94 34.18
CA ILE B 6 18.22 -10.34 33.56
C ILE B 6 18.32 -11.86 33.39
N VAL B 7 17.26 -12.57 33.76
CA VAL B 7 17.30 -14.02 33.67
C VAL B 7 16.39 -14.59 32.60
N ARG B 8 15.12 -14.26 32.65
CA ARG B 8 14.20 -14.82 31.66
C ARG B 8 13.34 -13.72 31.04
N MET B 9 12.50 -14.08 30.07
CA MET B 9 11.63 -13.11 29.42
C MET B 9 10.64 -13.86 28.57
N ASP B 10 9.35 -13.70 28.81
CA ASP B 10 8.38 -14.45 28.00
C ASP B 10 8.53 -14.12 26.54
N ARG B 11 9.11 -12.95 26.28
CA ARG B 11 9.32 -12.49 24.92
C ARG B 11 10.69 -11.85 24.74
N THR B 12 11.25 -12.04 23.54
CA THR B 12 12.55 -11.50 23.22
C THR B 12 12.43 -10.58 22.00
N ALA B 13 11.20 -10.44 21.52
CA ALA B 13 10.98 -9.60 20.37
C ALA B 13 9.58 -9.01 20.37
N GLY B 14 9.46 -7.79 19.85
CA GLY B 14 8.16 -7.13 19.79
C GLY B 14 8.10 -6.18 18.62
N CYS B 15 6.98 -5.51 18.44
CA CYS B 15 6.81 -4.55 17.35
C CYS B 15 7.50 -3.23 17.61
N VAL B 16 7.93 -2.60 16.52
CA VAL B 16 8.63 -1.32 16.56
C VAL B 16 7.73 -0.22 17.08
N THR B 17 6.42 -0.48 17.02
CA THR B 17 5.42 0.46 17.55
C THR B 17 5.57 0.62 19.06
N GLY B 18 5.66 -0.51 19.76
CA GLY B 18 5.81 -0.47 21.20
C GLY B 18 4.50 -0.68 21.95
N GLY B 19 4.62 -0.81 23.27
CA GLY B 19 3.45 -1.00 24.11
C GLY B 19 2.92 -2.42 24.19
N GLU B 20 3.80 -3.36 24.52
CA GLU B 20 3.36 -4.74 24.62
C GLU B 20 3.80 -5.39 25.93
N GLU B 21 2.95 -6.28 26.43
CA GLU B 21 3.14 -7.01 27.68
C GLU B 21 4.38 -7.91 27.59
N ILE B 22 5.39 -7.67 28.42
CA ILE B 22 6.61 -8.49 28.45
C ILE B 22 7.00 -8.79 29.89
N TYR B 23 7.07 -10.07 30.26
CA TYR B 23 7.45 -10.48 31.62
C TYR B 23 8.93 -10.73 31.77
N LEU B 24 9.57 -10.04 32.69
CA LEU B 24 10.99 -10.24 32.89
C LEU B 24 11.30 -10.80 34.27
N LEU B 25 11.96 -11.96 34.34
CA LEU B 25 12.31 -12.57 35.61
C LEU B 25 13.77 -12.21 35.88
N CYS B 26 13.96 -11.38 36.89
CA CYS B 26 15.27 -10.85 37.26
C CYS B 26 15.83 -11.27 38.61
N ASP B 27 16.89 -10.58 39.00
CA ASP B 27 17.53 -10.83 40.28
C ASP B 27 16.99 -9.82 41.31
N LYS B 28 17.82 -9.43 42.27
CA LYS B 28 17.42 -8.50 43.33
C LYS B 28 17.22 -7.05 42.86
N VAL B 29 16.02 -6.49 43.07
CA VAL B 29 15.69 -5.11 42.64
C VAL B 29 14.69 -4.39 43.56
N GLN B 30 14.74 -3.06 43.60
CA GLN B 30 13.82 -2.26 44.41
C GLN B 30 12.90 -1.46 43.50
N LYS B 31 11.61 -1.78 43.57
CA LYS B 31 10.57 -1.16 42.74
C LYS B 31 10.71 0.32 42.40
N ASP B 32 11.74 0.99 42.92
CA ASP B 32 11.89 2.42 42.64
C ASP B 32 13.31 2.90 42.35
N ASP B 33 14.17 1.97 41.95
CA ASP B 33 15.55 2.31 41.61
C ASP B 33 15.98 1.43 40.43
N ILE B 34 15.01 0.75 39.82
CA ILE B 34 15.28 -0.15 38.70
C ILE B 34 14.56 0.30 37.43
N GLN B 35 15.17 0.03 36.27
CA GLN B 35 14.58 0.37 34.97
C GLN B 35 15.00 -0.59 33.82
N ILE B 36 14.10 -0.77 32.86
CA ILE B 36 14.33 -1.63 31.70
C ILE B 36 14.81 -0.76 30.52
N ARG B 37 16.12 -0.55 30.39
CA ARG B 37 16.64 0.27 29.32
C ARG B 37 17.00 -0.47 28.02
N PHE B 38 16.37 -0.05 26.93
CA PHE B 38 16.62 -0.62 25.61
C PHE B 38 17.57 0.31 24.89
N TYR B 39 18.59 -0.22 24.23
CA TYR B 39 19.50 0.66 23.52
C TYR B 39 20.08 0.07 22.24
N GLU B 40 20.81 0.88 21.49
CA GLU B 40 21.40 0.46 20.22
C GLU B 40 22.63 1.30 19.84
N GLU B 41 23.74 0.63 19.61
CA GLU B 41 24.98 1.31 19.25
C GLU B 41 24.95 1.88 17.85
N GLU B 42 24.48 3.13 17.76
CA GLU B 42 24.39 3.85 16.49
C GLU B 42 25.52 3.43 15.57
N GLU B 43 26.73 3.42 16.14
CA GLU B 43 27.94 3.04 15.39
C GLU B 43 28.38 4.21 14.51
N ASN B 44 29.07 5.18 15.13
CA ASN B 44 29.53 6.38 14.44
C ASN B 44 29.86 7.41 15.51
N GLY B 45 29.24 7.22 16.66
CA GLY B 45 29.41 8.09 17.80
C GLY B 45 28.30 7.87 18.81
N GLY B 46 27.17 8.57 18.60
CA GLY B 46 26.04 8.48 19.50
C GLY B 46 25.45 7.11 19.78
N VAL B 47 24.30 7.11 20.46
CA VAL B 47 23.60 5.88 20.81
C VAL B 47 22.09 6.13 20.93
N TRP B 48 21.31 5.05 21.00
CA TRP B 48 19.87 5.19 21.15
C TRP B 48 19.39 4.46 22.38
N GLU B 49 18.36 5.01 23.02
CA GLU B 49 17.79 4.40 24.22
C GLU B 49 16.30 4.56 24.20
N GLY B 50 15.65 3.77 25.04
CA GLY B 50 14.21 3.79 25.15
C GLY B 50 13.94 2.97 26.39
N PHE B 51 13.07 3.44 27.27
CA PHE B 51 12.85 2.70 28.49
C PHE B 51 11.50 2.07 28.61
N GLY B 52 11.51 0.84 29.13
CA GLY B 52 10.29 0.09 29.31
C GLY B 52 9.44 0.82 30.31
N ASP B 53 8.16 0.91 29.99
CA ASP B 53 7.17 1.58 30.82
C ASP B 53 6.66 0.62 31.87
N PHE B 54 6.72 1.01 33.14
CA PHE B 54 6.23 0.15 34.22
C PHE B 54 6.26 0.87 35.57
N SER B 55 5.14 0.78 36.30
CA SER B 55 5.07 1.41 37.61
C SER B 55 5.67 0.48 38.66
N PRO B 56 6.15 1.04 39.77
CA PRO B 56 6.74 0.19 40.82
C PRO B 56 5.80 -0.90 41.34
N THR B 57 4.49 -0.69 41.15
CA THR B 57 3.48 -1.66 41.57
C THR B 57 3.58 -2.90 40.66
N ASP B 58 4.31 -2.74 39.56
CA ASP B 58 4.48 -3.82 38.60
C ASP B 58 5.65 -4.74 38.95
N VAL B 59 6.67 -4.18 39.62
CA VAL B 59 7.85 -4.93 40.03
C VAL B 59 7.54 -5.91 41.16
N HIS B 60 7.00 -7.07 40.78
CA HIS B 60 6.62 -8.16 41.71
C HIS B 60 7.73 -8.71 42.61
N ARG B 61 7.39 -8.89 43.88
CA ARG B 61 8.29 -9.43 44.90
C ARG B 61 9.80 -9.29 44.66
N GLN B 62 10.23 -8.17 44.10
CA GLN B 62 11.66 -7.94 43.89
C GLN B 62 12.41 -8.78 42.84
N PHE B 63 11.81 -9.86 42.36
CA PHE B 63 12.52 -10.70 41.37
C PHE B 63 11.86 -10.84 39.99
N ALA B 64 10.80 -10.08 39.75
CA ALA B 64 10.08 -10.10 38.47
C ALA B 64 9.62 -8.68 38.17
N ILE B 65 9.24 -8.43 36.92
CA ILE B 65 8.81 -7.10 36.50
C ILE B 65 7.96 -7.29 35.27
N VAL B 66 6.82 -6.63 35.21
CA VAL B 66 6.01 -6.71 34.02
C VAL B 66 6.16 -5.31 33.43
N PHE B 67 6.38 -5.21 32.12
CA PHE B 67 6.51 -3.90 31.53
C PHE B 67 6.07 -3.80 30.09
N LYS B 68 6.12 -2.59 29.56
CA LYS B 68 5.75 -2.38 28.19
C LYS B 68 6.92 -1.89 27.36
N THR B 69 6.88 -2.29 26.09
CA THR B 69 7.94 -1.95 25.17
C THR B 69 8.02 -0.50 24.76
N PRO B 70 9.21 0.10 24.86
CA PRO B 70 9.33 1.50 24.46
C PRO B 70 9.46 1.65 22.96
N LYS B 71 8.40 2.12 22.31
CA LYS B 71 8.42 2.34 20.84
C LYS B 71 9.83 2.61 20.31
N TYR B 72 10.29 1.78 19.39
CA TYR B 72 11.62 1.91 18.81
C TYR B 72 11.74 3.30 18.20
N LYS B 73 12.95 3.84 18.13
CA LYS B 73 13.17 5.17 17.56
C LYS B 73 12.45 5.31 16.22
N ASP B 74 13.00 4.71 15.16
CA ASP B 74 12.43 4.78 13.81
C ASP B 74 11.28 3.79 13.56
N VAL B 75 10.07 4.24 13.84
CA VAL B 75 8.88 3.40 13.67
C VAL B 75 8.68 2.90 12.25
N ASN B 76 9.32 3.58 11.31
CA ASN B 76 9.19 3.23 9.90
C ASN B 76 10.39 2.48 9.38
N ILE B 77 10.35 1.16 9.42
CA ILE B 77 11.47 0.38 8.92
C ILE B 77 10.91 -0.92 8.37
N THR B 78 11.33 -1.30 7.17
CA THR B 78 10.85 -2.52 6.53
C THR B 78 11.69 -3.73 6.83
N LYS B 79 12.64 -3.58 7.73
CA LYS B 79 13.53 -4.67 8.07
C LYS B 79 13.77 -4.70 9.58
N PRO B 80 13.70 -5.88 10.21
CA PRO B 80 13.90 -6.04 11.65
C PRO B 80 15.15 -5.36 12.10
N ALA B 81 15.10 -4.80 13.30
CA ALA B 81 16.23 -4.09 13.90
C ALA B 81 16.55 -4.77 15.23
N SER B 82 17.80 -5.16 15.41
CA SER B 82 18.19 -5.83 16.65
C SER B 82 18.92 -4.88 17.59
N VAL B 83 18.38 -4.79 18.80
CA VAL B 83 18.92 -3.94 19.83
C VAL B 83 19.29 -4.74 21.06
N PHE B 84 19.39 -4.06 22.18
CA PHE B 84 19.73 -4.71 23.43
C PHE B 84 18.83 -4.23 24.58
N VAL B 85 18.79 -4.99 25.67
CA VAL B 85 18.01 -4.58 26.83
C VAL B 85 18.79 -4.96 28.08
N GLN B 86 18.76 -4.07 29.06
CA GLN B 86 19.50 -4.29 30.29
C GLN B 86 18.78 -3.62 31.44
N LEU B 87 18.96 -4.13 32.65
CA LEU B 87 18.33 -3.52 33.83
C LEU B 87 19.33 -2.41 34.23
N ARG B 88 18.84 -1.38 34.92
CA ARG B 88 19.70 -0.26 35.31
C ARG B 88 19.18 0.39 36.58
N ARG B 89 20.10 0.80 37.43
CA ARG B 89 19.75 1.45 38.70
C ARG B 89 19.81 2.98 38.60
N LYS B 90 18.66 3.64 38.81
CA LYS B 90 18.58 5.10 38.71
C LYS B 90 19.60 5.78 39.65
N SER B 91 19.84 5.18 40.81
CA SER B 91 20.78 5.71 41.77
C SER B 91 22.23 5.76 41.27
N ASP B 92 22.88 4.61 41.16
CA ASP B 92 24.28 4.55 40.70
C ASP B 92 24.43 4.16 39.22
N LEU B 93 23.31 4.23 38.48
CA LEU B 93 23.27 3.82 37.08
C LEU B 93 24.11 2.57 36.87
N GLU B 94 23.87 1.59 37.73
CA GLU B 94 24.54 0.31 37.68
C GLU B 94 23.81 -0.40 36.56
N THR B 95 24.54 -1.23 35.83
CA THR B 95 23.93 -1.89 34.68
C THR B 95 24.08 -3.39 34.57
N SER B 96 22.95 -4.06 34.37
CA SER B 96 22.91 -5.50 34.20
C SER B 96 23.57 -5.87 32.87
N GLU B 97 24.05 -7.10 32.75
CA GLU B 97 24.65 -7.55 31.51
C GLU B 97 23.51 -7.39 30.49
N PRO B 98 23.83 -7.12 29.20
CA PRO B 98 22.76 -6.93 28.22
C PRO B 98 22.25 -8.25 27.62
N LYS B 99 21.03 -8.21 27.12
CA LYS B 99 20.44 -9.36 26.47
C LYS B 99 19.95 -8.79 25.16
N PRO B 100 19.88 -9.61 24.12
CA PRO B 100 19.43 -9.11 22.83
C PRO B 100 17.93 -9.03 22.72
N PHE B 101 17.44 -8.09 21.92
CA PHE B 101 16.00 -7.93 21.68
C PHE B 101 15.74 -7.51 20.22
N LEU B 102 14.70 -8.06 19.60
CA LEU B 102 14.41 -7.77 18.20
C LEU B 102 13.19 -6.94 17.91
N TYR B 103 13.40 -5.84 17.18
CA TYR B 103 12.31 -4.96 16.81
C TYR B 103 11.98 -5.22 15.35
N TYR B 104 10.72 -5.49 15.06
CA TYR B 104 10.34 -5.71 13.69
C TYR B 104 9.19 -4.80 13.25
N PRO B 105 9.07 -4.59 11.93
CA PRO B 105 8.05 -3.74 11.30
C PRO B 105 6.61 -3.87 11.78
N GLU B 106 5.90 -2.74 11.76
CA GLU B 106 4.49 -2.70 12.15
C GLU B 106 3.73 -3.34 10.99
N ILE B 107 2.79 -4.21 11.31
CA ILE B 107 1.99 -4.88 10.28
C ILE B 107 1.74 -3.98 9.06
N LYS B 108 1.80 -4.53 7.86
CA LYS B 108 1.56 -3.69 6.68
C LYS B 108 0.28 -2.93 6.95
N ASP B 109 0.44 -1.60 7.04
CA ASP B 109 -0.62 -0.64 7.36
C ASP B 109 -1.70 -1.20 8.27
N LYS B 110 -1.32 -1.28 9.55
CA LYS B 110 -2.16 -1.79 10.63
C LYS B 110 -3.60 -1.29 10.58
N GLU B 111 -3.81 -0.10 10.00
CA GLU B 111 -5.14 0.49 9.92
C GLU B 111 -6.17 -0.36 9.19
N GLU B 112 -5.95 -1.67 9.21
CA GLU B 112 -6.87 -2.59 8.58
C GLU B 112 -7.87 -3.03 9.64
N VAL B 113 -8.13 -2.13 10.59
CA VAL B 113 -9.07 -2.39 11.67
C VAL B 113 -10.49 -2.63 11.16
N GLN B 114 -10.65 -2.66 9.84
CA GLN B 114 -11.92 -2.89 9.15
C GLN B 114 -12.61 -1.59 8.69
N ARG B 115 -11.81 -0.63 8.23
CA ARG B 115 -12.36 0.65 7.76
C ARG B 115 -11.32 1.45 6.97
N THR C 1 -3.47 0.98 -25.07
CA THR C 1 -2.94 1.33 -23.72
C THR C 1 -1.73 2.24 -23.84
N SER C 2 -1.55 3.16 -22.89
CA SER C 2 -0.41 4.07 -22.91
C SER C 2 0.79 3.32 -22.32
N GLU C 3 1.98 3.76 -22.70
CA GLU C 3 3.23 3.12 -22.28
C GLU C 3 3.49 2.76 -20.81
N LEU C 4 3.22 3.66 -19.87
CA LEU C 4 3.50 3.35 -18.47
C LEU C 4 2.30 3.17 -17.54
N ARG C 5 2.36 2.12 -16.73
CA ARG C 5 1.32 1.81 -15.76
C ARG C 5 1.94 1.22 -14.47
N ILE C 6 1.15 1.23 -13.40
CA ILE C 6 1.58 0.71 -12.10
C ILE C 6 0.67 -0.48 -11.78
N CYS C 7 1.21 -1.69 -11.81
CA CYS C 7 0.36 -2.85 -11.53
C CYS C 7 -0.09 -2.96 -10.09
N ARG C 8 0.74 -2.48 -9.17
CA ARG C 8 0.37 -2.53 -7.75
C ARG C 8 1.45 -1.88 -6.87
N ILE C 9 1.09 -1.62 -5.62
CA ILE C 9 2.02 -1.02 -4.68
C ILE C 9 1.87 -1.79 -3.36
N ASN C 10 2.99 -2.07 -2.70
CA ASN C 10 2.95 -2.84 -1.46
C ASN C 10 2.22 -2.22 -0.25
N LYS C 11 1.88 -0.94 -0.34
CA LYS C 11 1.20 -0.26 0.76
C LYS C 11 0.23 0.80 0.25
N GLU C 12 -0.86 1.01 1.00
CA GLU C 12 -1.83 2.01 0.56
C GLU C 12 -1.94 3.20 1.49
N SER C 13 -1.13 3.21 2.54
CA SER C 13 -1.16 4.31 3.50
C SER C 13 0.14 4.37 4.28
N GLY C 14 0.55 5.59 4.66
CA GLY C 14 1.78 5.74 5.41
C GLY C 14 1.77 7.05 6.19
N PRO C 15 2.81 7.32 6.99
CA PRO C 15 2.77 8.59 7.72
C PRO C 15 2.99 9.78 6.80
N CYS C 16 2.16 10.82 6.97
CA CYS C 16 2.24 12.02 6.16
C CYS C 16 3.59 12.73 6.26
N THR C 17 4.46 12.22 7.12
CA THR C 17 5.79 12.79 7.30
C THR C 17 6.71 12.32 6.19
N GLY C 18 6.34 11.18 5.59
CA GLY C 18 7.13 10.62 4.50
C GLY C 18 8.50 10.12 4.91
N GLY C 19 9.15 9.37 4.01
CA GLY C 19 10.44 8.82 4.30
C GLY C 19 10.31 7.31 4.37
N GLU C 20 9.07 6.84 4.14
CA GLU C 20 8.72 5.43 4.15
C GLU C 20 9.13 4.73 2.87
N GLU C 21 9.61 3.50 2.97
CA GLU C 21 10.03 2.74 1.79
C GLU C 21 8.90 1.87 1.27
N LEU C 22 8.68 1.94 -0.04
CA LEU C 22 7.64 1.14 -0.68
C LEU C 22 8.18 0.49 -1.94
N TYR C 23 7.43 -0.46 -2.47
CA TYR C 23 7.77 -1.15 -3.70
C TYR C 23 6.60 -1.00 -4.65
N LEU C 24 6.87 -0.82 -5.93
CA LEU C 24 5.78 -0.73 -6.89
C LEU C 24 6.16 -1.56 -8.11
N LEU C 25 5.22 -2.33 -8.63
CA LEU C 25 5.50 -3.15 -9.80
C LEU C 25 4.86 -2.40 -10.95
N CYS C 26 5.56 -2.36 -12.09
CA CYS C 26 5.07 -1.60 -13.25
C CYS C 26 5.59 -2.13 -14.57
N ASP C 27 5.03 -1.59 -15.66
CA ASP C 27 5.43 -1.99 -17.00
C ASP C 27 6.75 -1.32 -17.35
N LYS C 28 7.52 -1.99 -18.19
CA LYS C 28 8.85 -1.52 -18.60
C LYS C 28 9.07 -0.02 -18.46
N VAL C 29 10.18 0.33 -17.80
CA VAL C 29 10.58 1.72 -17.59
C VAL C 29 12.09 1.81 -17.73
N GLN C 30 12.56 2.90 -18.33
CA GLN C 30 13.99 3.08 -18.51
C GLN C 30 14.52 3.68 -17.21
N LYS C 31 15.33 2.90 -16.49
CA LYS C 31 15.89 3.32 -15.21
C LYS C 31 16.36 4.77 -15.17
N GLU C 32 16.73 5.32 -16.31
CA GLU C 32 17.18 6.70 -16.33
C GLU C 32 15.99 7.66 -16.43
N ASP C 33 15.20 7.49 -17.47
CA ASP C 33 14.03 8.34 -17.75
C ASP C 33 12.77 7.86 -17.03
N ILE C 34 12.52 8.35 -15.81
CA ILE C 34 11.35 7.94 -15.04
C ILE C 34 11.40 8.43 -13.58
N SER C 35 10.23 8.69 -13.02
CA SER C 35 10.15 9.18 -11.66
C SER C 35 8.75 8.99 -11.10
N VAL C 36 8.66 8.53 -9.85
CA VAL C 36 7.37 8.34 -9.21
C VAL C 36 6.96 9.65 -8.53
N VAL C 37 5.70 10.04 -8.71
CA VAL C 37 5.22 11.28 -8.10
C VAL C 37 3.86 11.16 -7.45
N PHE C 38 3.73 11.84 -6.31
CA PHE C 38 2.51 11.90 -5.51
C PHE C 38 1.91 13.27 -5.78
N SER C 39 0.60 13.34 -5.99
CA SER C 39 -0.02 14.63 -6.28
C SER C 39 -1.43 14.74 -5.71
N THR C 40 -1.92 15.98 -5.62
CA THR C 40 -3.25 16.27 -5.12
C THR C 40 -3.86 17.41 -5.91
N ALA C 41 -4.74 18.17 -5.26
CA ALA C 41 -5.39 19.29 -5.92
C ALA C 41 -4.35 20.35 -6.28
N SER C 42 -3.72 20.92 -5.26
CA SER C 42 -2.72 21.97 -5.44
C SER C 42 -1.29 21.54 -5.13
N TRP C 43 -1.07 20.24 -4.92
CA TRP C 43 0.28 19.81 -4.59
C TRP C 43 0.89 18.66 -5.38
N GLU C 44 2.22 18.69 -5.45
CA GLU C 44 2.99 17.69 -6.17
C GLU C 44 4.30 17.38 -5.44
N GLY C 45 4.59 16.10 -5.29
CA GLY C 45 5.81 15.69 -4.62
C GLY C 45 6.48 14.54 -5.33
N ARG C 46 7.78 14.68 -5.56
CA ARG C 46 8.56 13.66 -6.24
C ARG C 46 9.10 12.69 -5.21
N ALA C 47 8.84 11.40 -5.39
CA ALA C 47 9.33 10.39 -4.46
C ALA C 47 10.84 10.29 -4.64
N ASP C 48 11.51 9.81 -3.60
CA ASP C 48 12.95 9.68 -3.58
C ASP C 48 13.41 8.26 -3.87
N PHE C 49 14.34 8.12 -4.80
CA PHE C 49 14.95 6.84 -5.16
C PHE C 49 15.99 7.07 -6.21
N SER C 50 16.86 6.09 -6.43
CA SER C 50 17.88 6.27 -7.44
C SER C 50 17.77 5.22 -8.53
N GLN C 51 18.44 5.49 -9.65
CA GLN C 51 18.39 4.60 -10.78
C GLN C 51 18.60 3.15 -10.40
N ALA C 52 19.57 2.88 -9.55
CA ALA C 52 19.79 1.49 -9.19
C ALA C 52 18.57 0.87 -8.52
N ASP C 53 17.73 1.70 -7.89
CA ASP C 53 16.54 1.21 -7.21
C ASP C 53 15.44 0.69 -8.13
N VAL C 54 15.67 0.76 -9.44
CA VAL C 54 14.70 0.29 -10.42
C VAL C 54 15.05 -1.15 -10.81
N HIS C 55 14.16 -2.09 -10.50
CA HIS C 55 14.41 -3.50 -10.77
C HIS C 55 14.05 -4.04 -12.15
N ARG C 56 15.03 -4.19 -13.02
CA ARG C 56 14.78 -4.75 -14.34
C ARG C 56 13.55 -4.11 -15.02
N GLN C 57 13.43 -2.79 -14.91
CA GLN C 57 12.34 -2.06 -15.54
C GLN C 57 10.91 -2.41 -15.12
N ILE C 58 10.74 -3.31 -14.16
CA ILE C 58 9.36 -3.65 -13.79
C ILE C 58 8.95 -3.36 -12.36
N ALA C 59 9.87 -2.78 -11.60
CA ALA C 59 9.62 -2.45 -10.20
C ALA C 59 10.48 -1.27 -9.74
N ILE C 60 10.00 -0.53 -8.76
CA ILE C 60 10.75 0.61 -8.28
C ILE C 60 10.69 0.73 -6.76
N VAL C 61 11.82 0.54 -6.08
CA VAL C 61 11.86 0.70 -4.63
C VAL C 61 12.13 2.19 -4.37
N PHE C 62 11.19 2.86 -3.72
CA PHE C 62 11.32 4.28 -3.47
C PHE C 62 10.84 4.69 -2.10
N LYS C 63 11.18 5.91 -1.69
CA LYS C 63 10.79 6.45 -0.40
C LYS C 63 9.71 7.52 -0.56
N THR C 64 8.60 7.40 0.18
CA THR C 64 7.52 8.36 0.06
C THR C 64 8.02 9.76 0.34
N PRO C 65 7.56 10.75 -0.46
CA PRO C 65 7.96 12.13 -0.30
C PRO C 65 7.16 12.75 0.84
N PRO C 66 7.84 13.49 1.73
CA PRO C 66 7.05 14.09 2.81
C PRO C 66 5.93 14.91 2.22
N TYR C 67 4.78 14.89 2.86
CA TYR C 67 3.63 15.63 2.38
C TYR C 67 3.86 17.13 2.58
N GLU C 68 3.02 17.94 1.97
CA GLU C 68 3.14 19.39 2.08
C GLU C 68 2.69 19.82 3.47
N ASP C 69 1.51 19.36 3.85
CA ASP C 69 0.92 19.70 5.13
C ASP C 69 1.32 18.68 6.22
N LEU C 70 2.50 18.87 6.80
CA LEU C 70 3.01 17.96 7.85
C LEU C 70 2.25 18.10 9.15
N GLU C 71 1.00 18.55 9.07
CA GLU C 71 0.19 18.76 10.25
C GLU C 71 -1.25 18.27 10.10
N ILE C 72 -1.56 17.66 8.97
CA ILE C 72 -2.90 17.17 8.70
C ILE C 72 -3.47 16.51 9.95
N SER C 73 -4.79 16.54 10.08
CA SER C 73 -5.45 15.94 11.23
C SER C 73 -6.42 14.88 10.74
N GLU C 74 -6.30 14.52 9.47
CA GLU C 74 -7.16 13.52 8.88
C GLU C 74 -6.59 12.91 7.60
N PRO C 75 -6.95 11.65 7.31
CA PRO C 75 -6.52 10.90 6.15
C PRO C 75 -6.63 11.67 4.84
N VAL C 76 -5.48 12.07 4.31
CA VAL C 76 -5.45 12.80 3.05
C VAL C 76 -5.01 11.85 1.93
N THR C 77 -5.97 11.40 1.12
CA THR C 77 -5.66 10.50 0.01
C THR C 77 -5.11 11.30 -1.18
N VAL C 78 -4.05 10.81 -1.81
CA VAL C 78 -3.45 11.49 -2.95
C VAL C 78 -3.32 10.55 -4.15
N ASN C 79 -2.67 11.04 -5.20
CA ASN C 79 -2.46 10.27 -6.41
C ASN C 79 -1.01 9.90 -6.56
N VAL C 80 -0.76 8.68 -7.01
CA VAL C 80 0.60 8.20 -7.21
C VAL C 80 0.74 7.79 -8.67
N PHE C 81 1.68 8.39 -9.38
CA PHE C 81 1.85 8.07 -10.80
C PHE C 81 3.29 8.15 -11.29
N LEU C 82 3.66 7.28 -12.23
CA LEU C 82 5.01 7.31 -12.80
C LEU C 82 4.99 8.48 -13.78
N GLN C 83 6.16 8.84 -14.33
CA GLN C 83 6.21 9.98 -15.24
C GLN C 83 7.60 10.18 -15.80
N ARG C 84 7.81 9.79 -17.05
CA ARG C 84 9.13 9.94 -17.67
C ARG C 84 9.60 11.41 -17.59
N LEU C 85 10.91 11.59 -17.46
CA LEU C 85 11.44 12.95 -17.34
C LEU C 85 11.54 13.67 -18.67
N THR C 86 11.59 12.90 -19.74
CA THR C 86 11.70 13.47 -21.08
C THR C 86 10.41 14.10 -21.59
N ASP C 87 9.50 13.28 -22.08
CA ASP C 87 8.25 13.82 -22.62
C ASP C 87 7.14 14.07 -21.61
N GLY C 88 7.43 13.86 -20.33
CA GLY C 88 6.43 14.12 -19.30
C GLY C 88 5.26 13.16 -19.17
N VAL C 89 5.21 12.16 -20.04
CA VAL C 89 4.15 11.14 -20.05
C VAL C 89 3.95 10.56 -18.65
N CYS C 90 2.69 10.38 -18.26
CA CYS C 90 2.40 9.83 -16.94
C CYS C 90 1.81 8.43 -17.02
N SER C 91 1.01 8.09 -16.02
CA SER C 91 0.35 6.80 -15.96
C SER C 91 -0.86 6.92 -15.07
N GLU C 92 -1.85 6.10 -15.32
CA GLU C 92 -3.04 6.14 -14.51
C GLU C 92 -2.57 6.25 -13.06
N PRO C 93 -3.16 7.18 -12.31
CA PRO C 93 -2.78 7.36 -10.91
C PRO C 93 -3.35 6.27 -9.98
N LEU C 94 -2.60 5.99 -8.91
CA LEU C 94 -3.03 5.02 -7.91
C LEU C 94 -3.33 5.72 -6.59
N PRO C 95 -4.32 5.21 -5.85
CA PRO C 95 -4.71 5.80 -4.57
C PRO C 95 -3.79 5.51 -3.43
N PHE C 96 -3.09 6.54 -2.95
CA PHE C 96 -2.23 6.38 -1.79
C PHE C 96 -2.57 7.49 -0.81
N THR C 97 -3.05 7.10 0.36
CA THR C 97 -3.43 8.06 1.37
C THR C 97 -2.44 8.26 2.52
N TYR C 98 -2.13 9.52 2.82
CA TYR C 98 -1.22 9.86 3.92
C TYR C 98 -1.99 9.80 5.23
N LEU C 99 -1.27 9.68 6.35
CA LEU C 99 -1.89 9.61 7.67
C LEU C 99 -1.32 10.67 8.62
N PRO C 100 -2.05 10.97 9.71
CA PRO C 100 -1.68 11.95 10.75
C PRO C 100 -0.41 11.63 11.51
N ARG C 101 0.05 12.61 12.28
CA ARG C 101 1.26 12.51 13.09
C ARG C 101 2.46 13.10 12.38
N ALA D 1 22.72 -24.82 -7.08
CA ALA D 1 21.72 -23.82 -6.60
C ALA D 1 22.18 -22.38 -6.85
N SER D 2 22.13 -21.95 -8.12
CA SER D 2 22.53 -20.60 -8.51
C SER D 2 22.12 -20.11 -9.91
N ASN D 3 20.83 -20.26 -10.24
CA ASN D 3 20.29 -19.80 -11.53
C ASN D 3 19.05 -18.95 -11.27
N LEU D 4 18.40 -19.24 -10.13
CA LEU D 4 17.21 -18.52 -9.67
C LEU D 4 17.84 -17.69 -8.56
N LYS D 5 17.40 -16.45 -8.39
CA LYS D 5 18.00 -15.60 -7.36
C LYS D 5 17.08 -14.58 -6.67
N ILE D 6 17.02 -14.62 -5.33
CA ILE D 6 16.22 -13.63 -4.63
C ILE D 6 17.11 -12.39 -4.68
N VAL D 7 16.54 -11.27 -5.09
CA VAL D 7 17.34 -10.06 -5.21
C VAL D 7 16.96 -9.02 -4.16
N ARG D 8 15.68 -8.98 -3.84
CA ARG D 8 15.18 -8.03 -2.87
C ARG D 8 13.87 -8.54 -2.31
N MET D 9 13.51 -8.01 -1.15
CA MET D 9 12.28 -8.36 -0.50
C MET D 9 11.87 -7.14 0.28
N ASP D 10 10.58 -6.86 0.32
CA ASP D 10 10.12 -5.71 1.07
C ASP D 10 9.98 -6.14 2.53
N ARG D 11 10.28 -7.41 2.78
CA ARG D 11 10.14 -7.92 4.12
C ARG D 11 10.90 -9.22 4.35
N THR D 12 11.68 -9.27 5.43
CA THR D 12 12.47 -10.44 5.78
C THR D 12 12.04 -11.14 7.05
N ALA D 13 10.81 -10.86 7.47
CA ALA D 13 10.21 -11.45 8.67
C ALA D 13 8.71 -11.16 8.71
N GLY D 14 7.98 -12.10 9.31
CA GLY D 14 6.55 -11.99 9.44
C GLY D 14 6.04 -12.83 10.60
N CYS D 15 4.74 -12.69 10.87
CA CYS D 15 4.11 -13.42 11.96
C CYS D 15 4.02 -14.89 11.65
N VAL D 16 4.19 -15.67 12.71
CA VAL D 16 4.13 -17.12 12.63
C VAL D 16 2.77 -17.59 12.08
N THR D 17 1.84 -16.67 11.89
CA THR D 17 0.54 -17.06 11.40
C THR D 17 0.44 -17.14 9.90
N GLY D 18 1.34 -16.47 9.20
CA GLY D 18 1.31 -16.50 7.75
C GLY D 18 0.21 -15.59 7.25
N GLY D 19 0.21 -15.31 5.95
CA GLY D 19 -0.81 -14.44 5.41
C GLY D 19 -0.31 -13.04 5.08
N GLU D 20 0.82 -12.65 5.67
CA GLU D 20 1.35 -11.32 5.39
C GLU D 20 1.99 -11.24 4.01
N GLU D 21 1.45 -10.37 3.18
CA GLU D 21 1.95 -10.22 1.81
C GLU D 21 3.36 -9.70 1.78
N ILE D 22 4.11 -10.20 0.81
CA ILE D 22 5.51 -9.83 0.57
C ILE D 22 5.80 -9.73 -0.91
N TYR D 23 6.63 -8.75 -1.25
CA TYR D 23 7.07 -8.48 -2.62
C TYR D 23 8.52 -8.95 -2.75
N LEU D 24 8.71 -10.02 -3.49
CA LEU D 24 10.02 -10.60 -3.71
C LEU D 24 10.48 -10.22 -5.11
N LEU D 25 11.63 -9.57 -5.21
CA LEU D 25 12.19 -9.17 -6.51
C LEU D 25 13.27 -10.18 -6.86
N CYS D 26 13.17 -10.76 -8.07
CA CYS D 26 14.10 -11.78 -8.52
C CYS D 26 14.62 -11.58 -9.95
N ASP D 27 15.33 -12.61 -10.43
CA ASP D 27 15.92 -12.66 -11.78
C ASP D 27 15.04 -13.60 -12.57
N LYS D 28 14.79 -13.27 -13.83
CA LYS D 28 13.91 -14.06 -14.71
C LYS D 28 13.48 -15.47 -14.24
N VAL D 29 12.15 -15.67 -14.18
CA VAL D 29 11.55 -16.92 -13.76
C VAL D 29 10.33 -17.27 -14.64
N GLN D 30 9.92 -18.54 -14.63
CA GLN D 30 8.76 -18.96 -15.44
C GLN D 30 7.48 -18.84 -14.63
N LYS D 31 6.61 -17.92 -15.04
CA LYS D 31 5.33 -17.68 -14.37
C LYS D 31 4.61 -18.96 -13.92
N ASP D 32 4.71 -20.02 -14.72
CA ASP D 32 4.03 -21.27 -14.37
C ASP D 32 4.94 -22.33 -13.76
N ASP D 33 6.23 -22.02 -13.67
CA ASP D 33 7.19 -22.95 -13.11
C ASP D 33 8.08 -22.21 -12.13
N ILE D 34 7.49 -21.88 -10.99
CA ILE D 34 8.23 -21.21 -9.92
C ILE D 34 7.44 -21.30 -8.64
N GLN D 35 8.17 -21.25 -7.53
CA GLN D 35 7.59 -21.33 -6.20
C GLN D 35 8.58 -20.81 -5.16
N ILE D 36 8.04 -20.18 -4.12
CA ILE D 36 8.85 -19.64 -3.03
C ILE D 36 8.77 -20.70 -1.92
N ARG D 37 9.92 -21.12 -1.40
CA ARG D 37 9.90 -22.15 -0.37
C ARG D 37 10.55 -21.78 0.94
N PHE D 38 9.73 -21.67 1.98
CA PHE D 38 10.19 -21.38 3.33
C PHE D 38 10.47 -22.77 3.92
N TYR D 39 11.69 -22.97 4.37
CA TYR D 39 12.08 -24.25 4.94
C TYR D 39 12.91 -23.98 6.16
N GLU D 40 13.08 -25.02 6.97
CA GLU D 40 13.84 -24.95 8.21
C GLU D 40 14.41 -26.32 8.49
N GLU D 41 15.65 -26.37 8.96
CA GLU D 41 16.29 -27.64 9.24
C GLU D 41 16.33 -28.01 10.72
N GLU D 42 15.65 -29.10 11.05
CA GLU D 42 15.61 -29.57 12.42
C GLU D 42 17.02 -30.10 12.76
N GLU D 43 17.55 -29.67 13.89
CA GLU D 43 18.88 -30.06 14.33
C GLU D 43 18.97 -31.54 14.69
N ASN D 44 18.31 -32.37 13.89
CA ASN D 44 18.31 -33.80 14.15
C ASN D 44 17.67 -34.57 12.99
N GLY D 45 16.36 -34.78 13.08
CA GLY D 45 15.69 -35.49 12.02
C GLY D 45 15.70 -34.69 10.73
N GLY D 46 14.52 -34.62 10.10
CA GLY D 46 14.38 -33.92 8.83
C GLY D 46 14.18 -32.41 8.84
N VAL D 47 13.49 -31.93 7.81
CA VAL D 47 13.24 -30.51 7.63
C VAL D 47 11.76 -30.14 7.70
N TRP D 48 11.49 -28.83 7.81
CA TRP D 48 10.12 -28.32 7.80
C TRP D 48 10.07 -27.49 6.53
N GLU D 49 8.88 -27.29 5.98
CA GLU D 49 8.75 -26.52 4.76
C GLU D 49 7.37 -25.92 4.57
N GLY D 50 7.28 -24.87 3.77
CA GLY D 50 6.02 -24.21 3.52
C GLY D 50 6.14 -23.35 2.30
N PHE D 51 5.07 -23.22 1.52
CA PHE D 51 5.14 -22.43 0.31
C PHE D 51 4.33 -21.11 0.28
N GLY D 52 4.96 -20.06 -0.22
CA GLY D 52 4.25 -18.80 -0.32
C GLY D 52 2.98 -19.10 -1.11
N ASP D 53 1.91 -18.39 -0.80
CA ASP D 53 0.62 -18.57 -1.46
C ASP D 53 0.50 -17.55 -2.57
N PHE D 54 0.43 -18.01 -3.82
CA PHE D 54 0.30 -17.11 -4.96
C PHE D 54 0.11 -17.82 -6.28
N SER D 55 -0.61 -17.16 -7.19
CA SER D 55 -0.90 -17.68 -8.52
C SER D 55 0.08 -17.12 -9.56
N PRO D 56 0.08 -17.70 -10.76
CA PRO D 56 0.99 -17.22 -11.79
C PRO D 56 0.79 -15.74 -12.11
N THR D 57 -0.42 -15.24 -11.85
CA THR D 57 -0.76 -13.85 -12.11
C THR D 57 0.13 -12.91 -11.32
N ASP D 58 0.41 -13.33 -10.08
CA ASP D 58 1.23 -12.55 -9.15
C ASP D 58 2.71 -12.38 -9.53
N VAL D 59 3.18 -13.17 -10.49
CA VAL D 59 4.57 -13.13 -10.95
C VAL D 59 4.68 -12.05 -12.00
N HIS D 60 4.98 -10.84 -11.54
CA HIS D 60 5.07 -9.64 -12.37
C HIS D 60 6.13 -9.54 -13.47
N ARG D 61 5.75 -9.95 -14.67
CA ARG D 61 6.62 -9.87 -15.83
C ARG D 61 7.91 -10.64 -15.71
N GLN D 62 7.90 -11.74 -14.96
CA GLN D 62 9.11 -12.55 -14.82
C GLN D 62 10.20 -12.04 -13.90
N PHE D 63 10.04 -10.85 -13.34
CA PHE D 63 11.07 -10.32 -12.47
C PHE D 63 10.58 -9.91 -11.09
N ALA D 64 9.51 -10.55 -10.64
CA ALA D 64 8.95 -10.20 -9.36
C ALA D 64 7.70 -11.00 -9.03
N ILE D 65 7.51 -11.30 -7.75
CA ILE D 65 6.36 -12.04 -7.32
C ILE D 65 5.77 -11.47 -6.04
N VAL D 66 4.45 -11.37 -5.95
CA VAL D 66 3.85 -10.94 -4.67
C VAL D 66 3.24 -12.23 -4.11
N PHE D 67 3.43 -12.49 -2.84
CA PHE D 67 2.88 -13.71 -2.26
C PHE D 67 2.59 -13.48 -0.79
N LYS D 68 1.93 -14.44 -0.14
CA LYS D 68 1.64 -14.29 1.28
C LYS D 68 2.40 -15.35 2.03
N THR D 69 2.94 -14.99 3.19
CA THR D 69 3.69 -15.93 3.99
C THR D 69 2.87 -17.15 4.43
N PRO D 70 3.47 -18.35 4.42
CA PRO D 70 2.78 -19.58 4.82
C PRO D 70 2.83 -19.71 6.35
N LYS D 71 1.91 -20.47 6.93
CA LYS D 71 1.96 -20.61 8.37
C LYS D 71 3.23 -21.36 8.72
N TYR D 72 3.77 -21.11 9.91
CA TYR D 72 5.01 -21.78 10.32
C TYR D 72 4.77 -22.99 11.21
N LYS D 73 5.43 -24.10 10.90
CA LYS D 73 5.28 -25.36 11.65
C LYS D 73 4.52 -25.16 12.95
N ASP D 74 5.18 -24.59 13.95
CA ASP D 74 4.54 -24.35 15.24
C ASP D 74 4.17 -22.89 15.46
N VAL D 75 2.89 -22.61 15.29
CA VAL D 75 2.36 -21.26 15.44
C VAL D 75 2.35 -20.83 16.90
N ASN D 76 2.83 -21.69 17.78
CA ASN D 76 2.86 -21.36 19.19
C ASN D 76 4.22 -21.04 19.80
N ILE D 77 5.18 -20.57 18.99
CA ILE D 77 6.50 -20.24 19.55
C ILE D 77 6.39 -19.02 20.45
N THR D 78 7.32 -18.89 21.38
CA THR D 78 7.30 -17.75 22.27
C THR D 78 8.51 -16.86 21.94
N LYS D 79 9.44 -17.39 21.17
CA LYS D 79 10.60 -16.61 20.75
C LYS D 79 10.71 -16.70 19.23
N PRO D 80 11.42 -15.74 18.59
CA PRO D 80 11.55 -15.79 17.14
C PRO D 80 12.25 -17.04 16.64
N ALA D 81 11.86 -17.49 15.45
CA ALA D 81 12.42 -18.68 14.83
C ALA D 81 12.94 -18.35 13.43
N SER D 82 14.25 -18.38 13.27
CA SER D 82 14.87 -18.08 11.98
C SER D 82 14.76 -19.27 11.04
N VAL D 83 14.48 -18.98 9.77
CA VAL D 83 14.35 -20.03 8.78
C VAL D 83 14.94 -19.47 7.49
N PHE D 84 14.75 -20.20 6.39
CA PHE D 84 15.28 -19.79 5.09
C PHE D 84 14.24 -19.78 3.96
N VAL D 85 14.44 -18.92 2.96
CA VAL D 85 13.55 -18.84 1.82
C VAL D 85 14.36 -19.13 0.57
N GLN D 86 13.70 -19.63 -0.46
CA GLN D 86 14.40 -19.90 -1.69
C GLN D 86 13.41 -20.05 -2.82
N LEU D 87 13.93 -19.79 -4.01
CA LEU D 87 13.19 -19.92 -5.26
C LEU D 87 13.48 -21.35 -5.67
N ARG D 88 12.45 -22.07 -6.13
CA ARG D 88 12.62 -23.45 -6.56
C ARG D 88 11.77 -23.66 -7.81
N ARG D 89 12.37 -24.23 -8.84
CA ARG D 89 11.68 -24.51 -10.11
C ARG D 89 10.94 -25.85 -9.94
N LYS D 90 9.66 -25.88 -10.34
CA LYS D 90 8.84 -27.09 -10.21
C LYS D 90 9.41 -28.27 -10.98
N SER D 91 9.85 -27.97 -12.20
CA SER D 91 10.40 -28.97 -13.09
C SER D 91 11.59 -29.71 -12.50
N ASP D 92 12.78 -29.10 -12.62
CA ASP D 92 14.01 -29.69 -12.14
C ASP D 92 14.38 -29.41 -10.69
N LEU D 93 13.40 -29.08 -9.87
CA LEU D 93 13.64 -28.78 -8.45
C LEU D 93 14.90 -27.95 -8.22
N GLU D 94 15.11 -27.00 -9.13
CA GLU D 94 16.25 -26.08 -9.09
C GLU D 94 16.00 -24.98 -8.08
N THR D 95 16.87 -24.92 -7.08
CA THR D 95 16.75 -23.94 -6.03
C THR D 95 17.41 -22.63 -6.36
N SER D 96 17.43 -21.75 -5.36
CA SER D 96 18.04 -20.44 -5.45
C SER D 96 18.84 -20.34 -4.18
N GLU D 97 19.81 -19.43 -4.15
CA GLU D 97 20.59 -19.29 -2.94
C GLU D 97 19.51 -18.99 -1.91
N PRO D 98 19.60 -19.59 -0.71
CA PRO D 98 18.55 -19.32 0.28
C PRO D 98 18.76 -18.04 1.08
N LYS D 99 17.73 -17.23 1.17
CA LYS D 99 17.82 -16.01 1.97
C LYS D 99 17.17 -16.34 3.32
N PRO D 100 17.65 -15.70 4.39
CA PRO D 100 17.11 -15.94 5.73
C PRO D 100 15.90 -15.06 6.02
N PHE D 101 14.80 -15.69 6.46
CA PHE D 101 13.56 -15.01 6.80
C PHE D 101 13.17 -15.46 8.19
N LEU D 102 12.80 -14.50 9.04
CA LEU D 102 12.46 -14.75 10.45
C LEU D 102 10.97 -14.77 10.80
N TYR D 103 10.59 -15.77 11.60
CA TYR D 103 9.22 -15.90 12.07
C TYR D 103 9.21 -15.43 13.52
N TYR D 104 8.16 -14.69 13.89
CA TYR D 104 8.00 -14.18 15.25
C TYR D 104 6.62 -14.60 15.77
N PRO D 105 6.47 -14.73 17.11
CA PRO D 105 5.23 -15.14 17.79
C PRO D 105 4.04 -14.24 17.53
N GLU D 106 2.86 -14.85 17.45
CA GLU D 106 1.63 -14.13 17.23
C GLU D 106 1.30 -13.22 18.41
N ILE D 107 0.54 -12.18 18.11
CA ILE D 107 0.12 -11.19 19.09
C ILE D 107 -0.40 -11.80 20.40
N LYS D 108 0.10 -11.27 21.51
CA LYS D 108 -0.26 -11.70 22.85
C LYS D 108 -1.67 -12.26 22.99
N ASP D 109 -2.67 -11.39 23.08
CA ASP D 109 -4.03 -11.90 23.21
C ASP D 109 -4.98 -11.52 22.08
N LYS D 110 -4.45 -11.54 20.85
CA LYS D 110 -5.19 -11.24 19.63
C LYS D 110 -6.51 -10.49 19.86
N GLU D 111 -6.52 -9.21 19.47
CA GLU D 111 -7.69 -8.34 19.61
C GLU D 111 -8.81 -8.98 20.41
N GLU D 112 -8.76 -8.76 21.74
CA GLU D 112 -9.78 -9.29 22.65
C GLU D 112 -11.15 -8.77 22.22
N VAL D 113 -11.52 -9.07 20.97
CA VAL D 113 -12.79 -8.65 20.36
C VAL D 113 -12.99 -7.15 20.63
N GLN D 114 -11.87 -6.46 20.83
CA GLN D 114 -11.82 -5.04 21.13
C GLN D 114 -12.12 -4.16 19.90
N ARG D 115 -13.38 -3.72 19.81
CA ARG D 115 -13.89 -2.86 18.73
C ARG D 115 -13.08 -2.92 17.43
N THR E 1 -16.28 6.89 -3.80
CA THR E 1 -17.32 6.08 -4.49
C THR E 1 -17.14 6.08 -6.02
N SER E 2 -18.06 6.72 -6.74
CA SER E 2 -17.98 6.78 -8.20
C SER E 2 -18.34 8.17 -8.73
N GLU E 3 -17.66 8.59 -9.79
CA GLU E 3 -17.91 9.90 -10.38
C GLU E 3 -17.94 9.84 -11.91
N LEU E 4 -19.08 9.49 -12.51
CA LEU E 4 -19.10 9.45 -13.96
C LEU E 4 -20.06 10.45 -14.58
N ARG E 5 -19.51 11.43 -15.29
CA ARG E 5 -20.30 12.48 -15.94
C ARG E 5 -19.65 12.94 -17.26
N ILE E 6 -20.46 13.50 -18.15
CA ILE E 6 -19.98 13.99 -19.44
C ILE E 6 -20.17 15.50 -19.47
N CYS E 7 -19.09 16.25 -19.38
CA CYS E 7 -19.19 17.71 -19.39
C CYS E 7 -19.71 18.31 -20.69
N ARG E 8 -19.34 17.72 -21.83
CA ARG E 8 -19.83 18.19 -23.14
C ARG E 8 -19.29 17.31 -24.26
N ILE E 9 -19.85 17.48 -25.45
CA ILE E 9 -19.46 16.71 -26.63
C ILE E 9 -19.30 17.71 -27.78
N ASN E 10 -18.31 17.50 -28.65
CA ASN E 10 -18.09 18.45 -29.73
C ASN E 10 -19.11 18.46 -30.85
N LYS E 11 -20.04 17.51 -30.86
CA LYS E 11 -21.09 17.45 -31.89
C LYS E 11 -22.39 16.93 -31.32
N GLU E 12 -23.52 17.45 -31.79
CA GLU E 12 -24.81 16.98 -31.29
C GLU E 12 -25.62 16.20 -32.33
N SER E 13 -25.06 16.03 -33.52
CA SER E 13 -25.74 15.28 -34.59
C SER E 13 -24.73 14.72 -35.57
N GLY E 14 -25.07 13.59 -36.19
CA GLY E 14 -24.19 12.97 -37.16
C GLY E 14 -24.94 12.00 -38.05
N PRO E 15 -24.27 11.39 -39.03
CA PRO E 15 -24.95 10.44 -39.91
C PRO E 15 -25.34 9.15 -39.20
N CYS E 16 -26.60 8.74 -39.38
CA CYS E 16 -27.16 7.52 -38.79
C CYS E 16 -26.34 6.28 -39.13
N THR E 17 -25.43 6.41 -40.09
CA THR E 17 -24.62 5.29 -40.52
C THR E 17 -23.46 5.07 -39.55
N GLY E 18 -23.14 6.09 -38.77
CA GLY E 18 -22.06 5.98 -37.80
C GLY E 18 -20.68 5.82 -38.37
N GLY E 19 -19.67 5.96 -37.52
CA GLY E 19 -18.28 5.83 -37.96
C GLY E 19 -17.61 7.18 -37.87
N GLU E 20 -18.39 8.16 -37.41
CA GLU E 20 -17.95 9.54 -37.25
C GLU E 20 -17.13 9.68 -35.97
N GLU E 21 -16.13 10.54 -36.00
CA GLU E 21 -15.28 10.74 -34.84
C GLU E 21 -15.70 11.92 -33.99
N LEU E 22 -15.77 11.71 -32.68
CA LEU E 22 -16.16 12.73 -31.74
C LEU E 22 -15.22 12.85 -30.56
N TYR E 23 -15.39 13.92 -29.81
CA TYR E 23 -14.62 14.20 -28.60
C TYR E 23 -15.61 14.41 -27.48
N LEU E 24 -15.29 13.93 -26.29
CA LEU E 24 -16.16 14.12 -25.16
C LEU E 24 -15.30 14.40 -23.94
N LEU E 25 -15.63 15.48 -23.22
CA LEU E 25 -14.91 15.84 -22.00
C LEU E 25 -15.69 15.22 -20.85
N CYS E 26 -14.99 14.67 -19.87
CA CYS E 26 -15.65 14.02 -18.74
C CYS E 26 -14.81 13.99 -17.46
N ASP E 27 -15.44 13.55 -16.38
CA ASP E 27 -14.79 13.44 -15.08
C ASP E 27 -13.94 12.17 -15.08
N LYS E 28 -12.90 12.17 -14.26
CA LYS E 28 -11.99 11.04 -14.15
C LYS E 28 -12.60 9.69 -14.57
N VAL E 29 -11.89 8.98 -15.43
CA VAL E 29 -12.31 7.70 -15.92
C VAL E 29 -11.07 6.82 -16.07
N GLN E 30 -11.17 5.57 -15.64
CA GLN E 30 -10.04 4.67 -15.75
C GLN E 30 -9.99 4.10 -17.17
N LYS E 31 -8.99 4.55 -17.92
CA LYS E 31 -8.75 4.15 -19.29
C LYS E 31 -9.17 2.70 -19.60
N GLU E 32 -9.01 1.81 -18.64
CA GLU E 32 -9.38 0.42 -18.88
C GLU E 32 -10.86 0.14 -18.67
N ASP E 33 -11.38 0.45 -17.48
CA ASP E 33 -12.77 0.21 -17.17
C ASP E 33 -13.63 1.43 -17.55
N ILE E 34 -14.17 1.44 -18.77
CA ILE E 34 -15.00 2.57 -19.23
C ILE E 34 -15.38 2.38 -20.69
N SER E 35 -16.60 2.80 -21.04
CA SER E 35 -17.10 2.67 -22.42
C SER E 35 -18.29 3.57 -22.71
N VAL E 36 -18.24 4.28 -23.84
CA VAL E 36 -19.32 5.18 -24.25
C VAL E 36 -20.40 4.39 -24.96
N VAL E 37 -21.66 4.67 -24.63
CA VAL E 37 -22.77 3.97 -25.26
C VAL E 37 -23.95 4.84 -25.61
N PHE E 38 -24.53 4.58 -26.78
CA PHE E 38 -25.70 5.29 -27.26
C PHE E 38 -26.88 4.36 -27.08
N SER E 39 -28.00 4.92 -26.61
CA SER E 39 -29.18 4.11 -26.37
C SER E 39 -30.46 4.81 -26.74
N THR E 40 -31.50 4.02 -26.92
CA THR E 40 -32.84 4.49 -27.28
C THR E 40 -33.87 3.70 -26.47
N ALA E 41 -35.06 3.57 -27.02
CA ALA E 41 -36.13 2.82 -26.37
C ALA E 41 -35.76 1.36 -26.30
N SER E 42 -35.59 0.75 -27.48
CA SER E 42 -35.25 -0.66 -27.56
C SER E 42 -33.86 -0.90 -28.11
N TRP E 43 -33.04 0.14 -28.17
CA TRP E 43 -31.71 -0.05 -28.72
C TRP E 43 -30.53 0.45 -27.90
N GLU E 44 -29.40 -0.26 -28.07
CA GLU E 44 -28.16 0.06 -27.37
C GLU E 44 -26.97 -0.22 -28.29
N GLY E 45 -26.07 0.76 -28.37
CA GLY E 45 -24.89 0.63 -29.21
C GLY E 45 -23.64 1.14 -28.52
N ARG E 46 -22.59 0.33 -28.53
CA ARG E 46 -21.32 0.69 -27.91
C ARG E 46 -20.44 1.42 -28.91
N ALA E 47 -20.03 2.63 -28.56
CA ALA E 47 -19.17 3.41 -29.45
C ALA E 47 -17.81 2.75 -29.53
N ASP E 48 -17.13 2.97 -30.64
CA ASP E 48 -15.81 2.42 -30.90
C ASP E 48 -14.67 3.36 -30.49
N PHE E 49 -13.68 2.78 -29.80
CA PHE E 49 -12.49 3.51 -29.39
C PHE E 49 -11.57 2.58 -28.59
N SER E 50 -10.31 2.95 -28.46
CA SER E 50 -9.39 2.11 -27.71
C SER E 50 -8.91 2.80 -26.44
N GLN E 51 -8.33 2.02 -25.54
CA GLN E 51 -7.84 2.57 -24.28
C GLN E 51 -6.99 3.80 -24.54
N ALA E 52 -6.09 3.71 -25.51
CA ALA E 52 -5.21 4.81 -25.83
C ALA E 52 -5.97 6.10 -26.18
N ASP E 53 -7.21 5.97 -26.68
CA ASP E 53 -8.00 7.15 -27.04
C ASP E 53 -8.62 7.93 -25.88
N VAL E 54 -8.30 7.54 -24.65
CA VAL E 54 -8.79 8.23 -23.47
C VAL E 54 -7.69 9.19 -23.01
N HIS E 55 -7.98 10.49 -23.04
CA HIS E 55 -6.98 11.49 -22.67
C HIS E 55 -6.94 11.87 -21.21
N ARG E 56 -5.90 11.42 -20.51
CA ARG E 56 -5.72 11.71 -19.09
C ARG E 56 -7.01 11.62 -18.30
N GLN E 57 -7.80 10.57 -18.51
CA GLN E 57 -9.03 10.38 -17.78
C GLN E 57 -10.10 11.48 -17.89
N ILE E 58 -9.87 12.51 -18.69
CA ILE E 58 -10.87 13.57 -18.76
C ILE E 58 -11.51 13.77 -20.12
N ALA E 59 -11.12 12.96 -21.10
CA ALA E 59 -11.69 13.06 -22.45
C ALA E 59 -11.65 11.73 -23.16
N ILE E 60 -12.50 11.55 -24.16
CA ILE E 60 -12.53 10.29 -24.90
C ILE E 60 -12.79 10.48 -26.40
N VAL E 61 -11.79 10.24 -27.24
CA VAL E 61 -11.99 10.36 -28.67
C VAL E 61 -12.52 9.00 -29.13
N PHE E 62 -13.75 9.00 -29.65
CA PHE E 62 -14.40 7.77 -30.09
C PHE E 62 -15.13 7.96 -31.41
N LYS E 63 -15.54 6.83 -32.01
CA LYS E 63 -16.31 6.86 -33.26
C LYS E 63 -17.74 6.42 -33.00
N THR E 64 -18.71 7.21 -33.46
CA THR E 64 -20.12 6.89 -33.26
C THR E 64 -20.45 5.50 -33.79
N PRO E 65 -21.26 4.75 -33.04
CA PRO E 65 -21.66 3.40 -33.45
C PRO E 65 -22.78 3.48 -34.47
N PRO E 66 -22.67 2.72 -35.57
CA PRO E 66 -23.75 2.80 -36.55
C PRO E 66 -25.07 2.54 -35.85
N TYR E 67 -26.12 3.23 -36.29
CA TYR E 67 -27.44 3.07 -35.69
C TYR E 67 -28.06 1.74 -36.10
N GLU E 68 -29.12 1.35 -35.39
CA GLU E 68 -29.82 0.09 -35.67
C GLU E 68 -30.53 0.22 -37.01
N ASP E 69 -31.34 1.27 -37.12
CA ASP E 69 -32.11 1.56 -38.34
C ASP E 69 -31.32 2.42 -39.31
N LEU E 70 -30.50 1.76 -40.12
CA LEU E 70 -29.66 2.43 -41.09
C LEU E 70 -30.50 2.93 -42.27
N GLU E 71 -31.76 3.22 -42.02
CA GLU E 71 -32.65 3.68 -43.08
C GLU E 71 -33.67 4.73 -42.63
N ILE E 72 -33.54 5.19 -41.38
CA ILE E 72 -34.47 6.19 -40.85
C ILE E 72 -34.65 7.32 -41.86
N SER E 73 -35.78 8.00 -41.79
CA SER E 73 -36.04 9.12 -42.68
C SER E 73 -36.42 10.32 -41.85
N GLU E 74 -36.03 10.28 -40.58
CA GLU E 74 -36.31 11.36 -39.64
C GLU E 74 -35.30 11.40 -38.49
N PRO E 75 -34.96 12.63 -38.03
CA PRO E 75 -34.00 12.85 -36.94
C PRO E 75 -34.31 11.99 -35.71
N VAL E 76 -33.52 10.95 -35.49
CA VAL E 76 -33.73 10.07 -34.34
C VAL E 76 -32.73 10.45 -33.23
N THR E 77 -33.21 11.15 -32.22
CA THR E 77 -32.35 11.55 -31.12
C THR E 77 -32.22 10.40 -30.13
N VAL E 78 -31.01 10.14 -29.65
CA VAL E 78 -30.77 9.06 -28.71
C VAL E 78 -30.01 9.56 -27.48
N ASN E 79 -29.63 8.63 -26.61
CA ASN E 79 -28.90 9.01 -25.40
C ASN E 79 -27.45 8.53 -25.44
N VAL E 80 -26.55 9.38 -24.96
CA VAL E 80 -25.13 9.04 -24.92
C VAL E 80 -24.69 9.09 -23.46
N PHE E 81 -24.12 7.98 -23.00
CA PHE E 81 -23.70 7.87 -21.61
C PHE E 81 -22.46 7.02 -21.41
N LEU E 82 -21.65 7.39 -20.43
CA LEU E 82 -20.44 6.63 -20.10
C LEU E 82 -20.93 5.40 -19.34
N GLN E 83 -20.04 4.44 -19.07
CA GLN E 83 -20.46 3.24 -18.38
C GLN E 83 -19.31 2.28 -18.06
N ARG E 84 -18.88 2.24 -16.80
CA ARG E 84 -17.81 1.34 -16.38
C ARG E 84 -18.12 -0.09 -16.80
N LEU E 85 -17.11 -0.86 -17.16
CA LEU E 85 -17.35 -2.23 -17.57
C LEU E 85 -17.54 -3.18 -16.39
N THR E 86 -16.98 -2.84 -15.24
CA THR E 86 -17.13 -3.71 -14.09
C THR E 86 -18.47 -3.57 -13.39
N ASP E 87 -18.65 -2.49 -12.64
CA ASP E 87 -19.89 -2.24 -11.89
C ASP E 87 -21.13 -1.89 -12.74
N GLY E 88 -20.91 -1.52 -13.99
CA GLY E 88 -22.03 -1.17 -14.86
C GLY E 88 -22.57 0.24 -14.64
N VAL E 89 -22.01 0.96 -13.68
CA VAL E 89 -22.46 2.32 -13.37
C VAL E 89 -22.38 3.20 -14.62
N CYS E 90 -23.38 4.06 -14.80
CA CYS E 90 -23.38 4.93 -15.96
C CYS E 90 -23.21 6.40 -15.60
N SER E 91 -23.84 7.26 -16.38
CA SER E 91 -23.75 8.69 -16.14
C SER E 91 -24.92 9.35 -16.82
N GLU E 92 -25.31 10.51 -16.30
CA GLU E 92 -26.43 11.25 -16.87
C GLU E 92 -26.24 11.21 -18.38
N PRO E 93 -27.27 10.78 -19.11
CA PRO E 93 -27.17 10.72 -20.58
C PRO E 93 -27.21 12.08 -21.25
N LEU E 94 -26.55 12.17 -22.39
CA LEU E 94 -26.54 13.40 -23.14
C LEU E 94 -27.28 13.22 -24.46
N PRO E 95 -27.86 14.30 -24.98
CA PRO E 95 -28.62 14.35 -26.22
C PRO E 95 -27.85 14.30 -27.52
N PHE E 96 -27.85 13.16 -28.20
CA PHE E 96 -27.19 13.11 -29.49
C PHE E 96 -28.12 12.49 -30.51
N THR E 97 -28.46 13.27 -31.54
CA THR E 97 -29.38 12.79 -32.55
C THR E 97 -28.77 12.36 -33.88
N TYR E 98 -29.19 11.20 -34.37
CA TYR E 98 -28.72 10.65 -35.64
C TYR E 98 -29.47 11.36 -36.76
N LEU E 99 -28.91 11.34 -37.97
CA LEU E 99 -29.54 11.96 -39.13
C LEU E 99 -29.73 10.94 -40.25
N PRO E 100 -30.61 11.23 -41.23
CA PRO E 100 -30.88 10.31 -42.34
C PRO E 100 -29.75 10.23 -43.39
N ARG E 101 -29.93 9.33 -44.35
CA ARG E 101 -28.99 9.06 -45.46
C ARG E 101 -28.31 7.71 -45.31
N ALA F 1 9.19 24.16 -26.23
CA ALA F 1 9.32 24.05 -24.74
C ALA F 1 8.77 22.72 -24.23
N SER F 2 9.45 22.18 -23.21
CA SER F 2 9.12 20.89 -22.60
C SER F 2 7.82 20.78 -21.79
N ASN F 3 7.55 21.76 -20.92
CA ASN F 3 6.35 21.71 -20.08
C ASN F 3 5.02 21.75 -20.81
N LEU F 4 4.98 22.34 -22.00
CA LEU F 4 3.75 22.47 -22.78
C LEU F 4 3.71 21.61 -24.04
N LYS F 5 2.56 21.02 -24.34
CA LYS F 5 2.42 20.18 -25.53
C LYS F 5 0.97 19.97 -25.98
N ILE F 6 0.74 20.11 -27.28
CA ILE F 6 -0.58 19.91 -27.86
C ILE F 6 -0.63 18.43 -28.26
N VAL F 7 -1.69 17.73 -27.88
CA VAL F 7 -1.77 16.32 -28.22
C VAL F 7 -2.77 15.97 -29.33
N ARG F 8 -3.99 16.50 -29.21
CA ARG F 8 -5.01 16.23 -30.23
C ARG F 8 -5.82 17.47 -30.52
N MET F 9 -6.67 17.38 -31.54
CA MET F 9 -7.54 18.46 -31.96
C MET F 9 -8.67 17.89 -32.81
N ASP F 10 -9.91 18.02 -32.37
CA ASP F 10 -11.02 17.48 -33.14
C ASP F 10 -10.97 18.03 -34.55
N ARG F 11 -10.29 19.15 -34.73
CA ARG F 11 -10.18 19.75 -36.04
C ARG F 11 -8.81 20.37 -36.21
N THR F 12 -8.37 20.51 -37.46
CA THR F 12 -7.07 21.10 -37.70
C THR F 12 -7.18 22.13 -38.78
N ALA F 13 -8.41 22.44 -39.15
CA ALA F 13 -8.65 23.46 -40.16
C ALA F 13 -9.98 24.13 -39.87
N GLY F 14 -10.06 25.42 -40.20
CA GLY F 14 -11.28 26.16 -39.97
C GLY F 14 -11.36 27.29 -40.97
N CYS F 15 -12.45 28.06 -40.90
CA CYS F 15 -12.65 29.18 -41.82
C CYS F 15 -11.83 30.42 -41.47
N VAL F 16 -11.34 31.08 -42.51
CA VAL F 16 -10.55 32.29 -42.35
C VAL F 16 -11.36 33.31 -41.54
N THR F 17 -12.68 33.15 -41.57
CA THR F 17 -13.58 34.05 -40.86
C THR F 17 -13.37 33.97 -39.35
N GLY F 18 -13.23 32.76 -38.84
CA GLY F 18 -13.02 32.58 -37.41
C GLY F 18 -14.25 32.29 -36.60
N GLY F 19 -14.05 31.93 -35.33
CA GLY F 19 -15.15 31.65 -34.42
C GLY F 19 -15.80 30.28 -34.57
N GLU F 20 -14.98 29.23 -34.51
CA GLU F 20 -15.48 27.87 -34.64
C GLU F 20 -15.05 27.03 -33.44
N GLU F 21 -15.92 26.16 -32.96
CA GLU F 21 -15.55 25.35 -31.81
C GLU F 21 -14.54 24.26 -32.15
N ILE F 22 -13.40 24.31 -31.46
CA ILE F 22 -12.32 23.34 -31.64
C ILE F 22 -11.91 22.76 -30.32
N TYR F 23 -11.89 21.43 -30.21
CA TYR F 23 -11.48 20.76 -28.98
C TYR F 23 -10.02 20.37 -29.02
N LEU F 24 -9.26 20.83 -28.02
CA LEU F 24 -7.83 20.57 -27.93
C LEU F 24 -7.46 19.76 -26.70
N LEU F 25 -6.88 18.58 -26.91
CA LEU F 25 -6.46 17.72 -25.80
C LEU F 25 -4.98 17.95 -25.57
N CYS F 26 -4.63 18.58 -24.45
CA CYS F 26 -3.23 18.92 -24.16
C CYS F 26 -2.67 18.34 -22.86
N ASP F 27 -1.46 18.79 -22.50
CA ASP F 27 -0.81 18.35 -21.27
C ASP F 27 -1.25 19.22 -20.09
N LYS F 28 -0.41 19.40 -19.08
CA LYS F 28 -0.87 20.18 -17.94
C LYS F 28 -0.82 21.69 -18.10
N VAL F 29 -1.90 22.35 -17.71
CA VAL F 29 -2.01 23.80 -17.77
C VAL F 29 -2.95 24.37 -16.71
N GLN F 30 -2.82 25.68 -16.48
CA GLN F 30 -3.65 26.38 -15.51
C GLN F 30 -4.56 27.34 -16.26
N LYS F 31 -5.86 27.14 -16.10
CA LYS F 31 -6.89 27.95 -16.74
C LYS F 31 -6.63 29.46 -16.82
N ASP F 32 -5.55 29.94 -16.20
CA ASP F 32 -5.27 31.37 -16.18
C ASP F 32 -3.86 31.79 -16.61
N ASP F 33 -3.12 30.88 -17.22
CA ASP F 33 -1.77 31.21 -17.65
C ASP F 33 -1.45 30.50 -18.97
N ILE F 34 -2.51 30.04 -19.65
CA ILE F 34 -2.36 29.35 -20.93
C ILE F 34 -3.14 30.07 -22.03
N GLN F 35 -2.65 29.95 -23.25
CA GLN F 35 -3.28 30.59 -24.41
C GLN F 35 -2.99 29.83 -25.72
N ILE F 36 -3.95 29.84 -26.64
CA ILE F 36 -3.77 29.12 -27.90
C ILE F 36 -3.39 30.12 -28.98
N ARG F 37 -2.08 30.21 -29.22
CA ARG F 37 -1.52 31.14 -30.18
C ARG F 37 -1.41 30.63 -31.62
N PHE F 38 -2.10 31.31 -32.53
CA PHE F 38 -2.06 31.00 -33.95
C PHE F 38 -1.07 31.99 -34.56
N TYR F 39 -0.15 31.51 -35.39
CA TYR F 39 0.82 32.43 -35.99
C TYR F 39 1.29 32.01 -37.38
N GLU F 40 1.98 32.91 -38.07
CA GLU F 40 2.45 32.65 -39.43
C GLU F 40 3.69 33.47 -39.74
N GLU F 41 4.76 32.79 -40.17
CA GLU F 41 6.02 33.47 -40.50
C GLU F 41 5.98 34.12 -41.88
N GLU F 42 5.36 35.29 -42.04
CA GLU F 42 5.32 35.91 -43.36
C GLU F 42 6.69 35.88 -44.06
N GLU F 43 6.70 35.53 -45.34
CA GLU F 43 7.92 35.43 -46.17
C GLU F 43 9.15 36.13 -45.58
N ASN F 44 9.09 37.46 -45.53
CA ASN F 44 10.17 38.29 -45.01
C ASN F 44 10.49 37.97 -43.54
N GLY F 45 10.75 39.01 -42.74
CA GLY F 45 11.05 38.80 -41.34
C GLY F 45 9.76 38.73 -40.54
N GLY F 46 8.74 39.47 -41.00
CA GLY F 46 7.45 39.53 -40.33
C GLY F 46 6.82 38.25 -39.79
N VAL F 47 5.89 38.43 -38.85
CA VAL F 47 5.19 37.32 -38.21
C VAL F 47 3.81 37.78 -37.71
N TRP F 48 2.77 37.00 -38.01
CA TRP F 48 1.41 37.33 -37.59
C TRP F 48 0.95 36.40 -36.49
N GLU F 49 0.01 36.88 -35.68
CA GLU F 49 -0.53 36.09 -34.60
C GLU F 49 -2.02 36.32 -34.49
N GLY F 50 -2.67 35.44 -33.74
CA GLY F 50 -4.10 35.53 -33.51
C GLY F 50 -4.32 34.60 -32.35
N PHE F 51 -5.21 34.95 -31.44
CA PHE F 51 -5.40 34.09 -30.28
C PHE F 51 -6.76 33.46 -30.19
N GLY F 52 -6.76 32.18 -29.86
CA GLY F 52 -8.01 31.49 -29.71
C GLY F 52 -8.78 32.07 -28.54
N ASP F 53 -10.06 32.33 -28.74
CA ASP F 53 -10.91 32.89 -27.71
C ASP F 53 -11.39 31.79 -26.78
N PHE F 54 -11.29 32.01 -25.48
CA PHE F 54 -11.79 31.02 -24.52
C PHE F 54 -11.61 31.45 -23.09
N SER F 55 -12.66 31.26 -22.31
CA SER F 55 -12.67 31.63 -20.90
C SER F 55 -12.05 30.53 -20.04
N PRO F 56 -11.53 30.90 -18.87
CA PRO F 56 -10.91 29.96 -17.95
C PRO F 56 -11.80 28.76 -17.65
N THR F 57 -13.12 28.97 -17.66
CA THR F 57 -14.05 27.88 -17.39
C THR F 57 -14.07 26.87 -18.52
N ASP F 58 -13.48 27.23 -19.65
CA ASP F 58 -13.42 26.35 -20.81
C ASP F 58 -12.31 25.32 -20.65
N VAL F 59 -11.23 25.73 -19.98
CA VAL F 59 -10.08 24.84 -19.77
C VAL F 59 -10.37 23.68 -18.80
N HIS F 60 -11.04 22.65 -19.33
CA HIS F 60 -11.43 21.43 -18.62
C HIS F 60 -10.30 20.68 -17.90
N ARG F 61 -10.59 20.25 -16.67
CA ARG F 61 -9.67 19.48 -15.84
C ARG F 61 -8.16 19.59 -16.15
N GLN F 62 -7.71 20.79 -16.53
CA GLN F 62 -6.28 21.02 -16.80
C GLN F 62 -5.67 20.35 -18.03
N PHE F 63 -6.34 19.38 -18.65
CA PHE F 63 -5.76 18.73 -19.81
C PHE F 63 -6.50 18.83 -21.13
N ALA F 64 -7.54 19.65 -21.15
CA ALA F 64 -8.34 19.86 -22.35
C ALA F 64 -8.76 21.33 -22.36
N ILE F 65 -9.18 21.83 -23.51
CA ILE F 65 -9.60 23.21 -23.64
C ILE F 65 -10.48 23.33 -24.86
N VAL F 66 -11.60 24.03 -24.73
CA VAL F 66 -12.49 24.24 -25.85
C VAL F 66 -12.25 25.67 -26.24
N PHE F 67 -12.05 25.95 -27.52
CA PHE F 67 -11.81 27.35 -27.88
C PHE F 67 -12.37 27.73 -29.23
N LYS F 68 -12.25 29.01 -29.56
CA LYS F 68 -12.75 29.48 -30.82
C LYS F 68 -11.64 30.02 -31.71
N THR F 69 -11.82 29.85 -33.00
CA THR F 69 -10.84 30.25 -33.99
C THR F 69 -10.66 31.74 -34.11
N PRO F 70 -9.42 32.22 -34.01
CA PRO F 70 -9.15 33.65 -34.13
C PRO F 70 -9.10 34.11 -35.59
N LYS F 71 -10.16 34.75 -36.06
CA LYS F 71 -10.23 35.26 -37.44
C LYS F 71 -8.84 35.52 -38.03
N TYR F 72 -8.52 34.85 -39.13
CA TYR F 72 -7.22 35.03 -39.77
C TYR F 72 -7.03 36.48 -40.17
N LYS F 73 -5.77 36.90 -40.28
CA LYS F 73 -5.47 38.27 -40.66
C LYS F 73 -6.30 38.69 -41.87
N ASP F 74 -5.87 38.30 -43.07
CA ASP F 74 -6.59 38.66 -44.31
C ASP F 74 -7.78 37.76 -44.59
N VAL F 75 -8.97 38.19 -44.16
CA VAL F 75 -10.18 37.41 -44.35
C VAL F 75 -10.55 37.22 -45.81
N ASN F 76 -9.92 37.98 -46.70
CA ASN F 76 -10.22 37.85 -48.12
C ASN F 76 -9.06 37.20 -48.87
N ILE F 77 -9.17 35.90 -49.09
CA ILE F 77 -8.15 35.16 -49.82
C ILE F 77 -8.87 34.00 -50.48
N THR F 78 -8.62 33.79 -51.77
CA THR F 78 -9.30 32.73 -52.48
C THR F 78 -8.49 31.44 -52.52
N LYS F 79 -7.46 31.36 -51.67
CA LYS F 79 -6.62 30.17 -51.61
C LYS F 79 -6.32 29.93 -50.14
N PRO F 80 -6.39 28.66 -49.70
CA PRO F 80 -6.11 28.38 -48.29
C PRO F 80 -4.71 28.78 -47.87
N ALA F 81 -4.59 29.16 -46.60
CA ALA F 81 -3.31 29.57 -46.05
C ALA F 81 -3.00 28.69 -44.87
N SER F 82 -1.80 28.12 -44.87
CA SER F 82 -1.38 27.24 -43.79
C SER F 82 -0.62 28.01 -42.73
N VAL F 83 -1.03 27.88 -41.48
CA VAL F 83 -0.36 28.56 -40.39
C VAL F 83 0.06 27.54 -39.33
N PHE F 84 0.28 28.00 -38.10
CA PHE F 84 0.68 27.10 -37.02
C PHE F 84 -0.10 27.42 -35.75
N VAL F 85 -0.08 26.49 -34.80
CA VAL F 85 -0.76 26.68 -33.53
C VAL F 85 0.04 26.05 -32.40
N GLN F 86 0.12 26.74 -31.28
CA GLN F 86 0.85 26.22 -30.14
C GLN F 86 0.34 26.87 -28.88
N LEU F 87 0.50 26.17 -27.76
CA LEU F 87 0.07 26.71 -26.49
C LEU F 87 1.19 27.63 -26.02
N ARG F 88 0.87 28.51 -25.07
CA ARG F 88 1.86 29.43 -24.52
C ARG F 88 1.44 29.93 -23.15
N ARG F 89 2.43 30.12 -22.28
CA ARG F 89 2.24 30.56 -20.91
C ARG F 89 2.39 32.09 -20.78
N LYS F 90 1.31 32.77 -20.40
CA LYS F 90 1.32 34.22 -20.27
C LYS F 90 2.42 34.68 -19.32
N SER F 91 2.71 33.84 -18.32
CA SER F 91 3.75 34.15 -17.34
C SER F 91 5.15 34.20 -17.97
N ASP F 92 5.73 33.03 -18.27
CA ASP F 92 7.07 32.98 -18.86
C ASP F 92 7.11 32.87 -20.39
N LEU F 93 5.98 33.14 -21.04
CA LEU F 93 5.90 33.03 -22.50
C LEU F 93 6.50 31.72 -23.00
N GLU F 94 6.23 30.65 -22.24
CA GLU F 94 6.67 29.29 -22.51
C GLU F 94 5.88 28.85 -23.72
N THR F 95 6.53 28.13 -24.64
CA THR F 95 5.84 27.73 -25.86
C THR F 95 5.85 26.23 -26.16
N SER F 96 4.68 25.64 -26.36
CA SER F 96 4.63 24.23 -26.71
C SER F 96 5.02 24.12 -28.18
N GLU F 97 5.47 22.93 -28.57
CA GLU F 97 5.85 22.71 -29.95
C GLU F 97 4.64 23.10 -30.78
N PRO F 98 4.87 23.57 -32.01
CA PRO F 98 3.76 23.97 -32.88
C PRO F 98 3.19 22.81 -33.68
N LYS F 99 1.93 22.98 -34.07
CA LYS F 99 1.20 22.01 -34.87
C LYS F 99 0.67 22.82 -36.04
N PRO F 100 0.58 22.20 -37.21
CA PRO F 100 0.06 22.98 -38.34
C PRO F 100 -1.45 23.14 -38.28
N PHE F 101 -1.94 24.18 -38.95
CA PHE F 101 -3.36 24.47 -38.99
C PHE F 101 -3.68 25.14 -40.32
N LEU F 102 -4.85 24.82 -40.88
CA LEU F 102 -5.24 25.38 -42.18
C LEU F 102 -6.39 26.37 -42.21
N TYR F 103 -6.12 27.53 -42.80
CA TYR F 103 -7.14 28.56 -42.96
C TYR F 103 -7.64 28.54 -44.41
N TYR F 104 -8.95 28.43 -44.58
CA TYR F 104 -9.52 28.41 -45.92
C TYR F 104 -10.62 29.44 -46.14
N PRO F 105 -10.76 29.91 -47.38
CA PRO F 105 -11.73 30.89 -47.84
C PRO F 105 -13.14 30.78 -47.25
N GLU F 106 -13.77 31.94 -47.07
CA GLU F 106 -15.12 32.01 -46.56
C GLU F 106 -16.08 31.67 -47.70
N ILE F 107 -17.05 30.81 -47.41
CA ILE F 107 -18.09 30.39 -48.35
C ILE F 107 -18.70 31.51 -49.20
N LYS F 108 -18.54 31.41 -50.52
CA LYS F 108 -19.08 32.38 -51.47
C LYS F 108 -20.56 32.70 -51.22
N ASP F 109 -20.88 33.98 -51.25
CA ASP F 109 -22.25 34.48 -51.05
C ASP F 109 -22.95 33.93 -49.82
N LYS F 110 -22.27 33.96 -48.68
CA LYS F 110 -22.83 33.46 -47.44
C LYS F 110 -24.02 34.33 -47.05
N GLU F 111 -23.93 35.62 -47.38
CA GLU F 111 -24.97 36.59 -47.05
C GLU F 111 -26.33 36.27 -47.67
N GLU F 112 -27.02 35.32 -47.06
CA GLU F 112 -28.35 34.87 -47.50
C GLU F 112 -28.84 33.74 -46.60
#